data_3HPA
#
_entry.id   3HPA
#
_cell.length_a   83.304
_cell.length_b   83.304
_cell.length_c   229.125
_cell.angle_alpha   90.00
_cell.angle_beta   90.00
_cell.angle_gamma   120.00
#
_symmetry.space_group_name_H-M   'P 32 2 1'
#
loop_
_entity.id
_entity.type
_entity.pdbx_description
1 polymer AMIDOHYDROLASE
2 non-polymer 'ZINC ION'
3 water water
#
_entity_poly.entity_id   1
_entity_poly.type   'polypeptide(L)'
_entity_poly.pdbx_seq_one_letter_code
;MGADRRGERMNLEQHAGARAPNTSSSRPKTLLVKHADVLVTMDDTRRELRDAGLYIEDNRIVAVGPSAELPETADEVLDL
RGHLVIPGLVNTHHHMYQSLTRAVPAAQNAELFGWLTNLYKIWAHLTPEMIEVSTLTAMAELLQSGCTTSSDHLYIYPNG
SRLDDSIGAAQRIGMRFHASRGAMSVGQRDGGLPPDSVVEREPDILRDTQRLIETYHDEGRYAMLRVVVAPCSPFSVSRD
LMRDAAVLAREYGVSLHTHLAENVNDIAYSREKFGMTPAEYAEDLGWVGHDVWHAHCVQLDDAGIGLFARTGTGVAHCPC
SNMRLASGIAPVKKMRLAGVPVGLGVDGSASNDGAQMVAEVRQALLLQRVGFGPDAMTAREALEIATLGGAKVLNRDDIG
ALKPGMAADFAAFDLRQPLFAGALHDPVAALVFCAPSQTAYTVVNGKVVVREGRLATLDLPPVIERHNALAHALVEAAR
;
_entity_poly.pdbx_strand_id   A,B
#
loop_
_chem_comp.id
_chem_comp.type
_chem_comp.name
_chem_comp.formula
ZN non-polymer 'ZINC ION' 'Zn 2'
#
# COMPACT_ATOMS: atom_id res chain seq x y z
N LYS A 29 -28.41 -19.10 -16.55
CA LYS A 29 -28.13 -18.94 -15.09
C LYS A 29 -28.21 -17.47 -14.67
N THR A 30 -29.02 -17.20 -13.65
CA THR A 30 -29.20 -15.85 -13.17
C THR A 30 -28.47 -15.57 -11.87
N LEU A 31 -27.95 -14.35 -11.76
CA LEU A 31 -27.24 -13.88 -10.58
C LEU A 31 -27.80 -12.54 -10.19
N LEU A 32 -28.26 -12.43 -8.95
CA LEU A 32 -28.81 -11.20 -8.45
C LEU A 32 -27.98 -10.70 -7.29
N VAL A 33 -27.64 -9.42 -7.35
CA VAL A 33 -26.89 -8.76 -6.29
C VAL A 33 -27.85 -7.72 -5.74
N LYS A 34 -28.01 -7.67 -4.43
CA LYS A 34 -28.92 -6.69 -3.89
C LYS A 34 -28.43 -6.03 -2.61
N HIS A 35 -28.97 -4.85 -2.35
CA HIS A 35 -28.67 -4.07 -1.16
C HIS A 35 -27.25 -3.58 -0.90
N ALA A 36 -26.41 -3.55 -1.93
CA ALA A 36 -25.06 -3.06 -1.73
C ALA A 36 -25.19 -1.66 -1.11
N ASP A 37 -24.30 -1.32 -0.16
CA ASP A 37 -24.38 0.00 0.45
C ASP A 37 -24.23 1.07 -0.62
N VAL A 38 -23.17 0.92 -1.42
CA VAL A 38 -22.86 1.83 -2.49
C VAL A 38 -22.43 1.03 -3.72
N LEU A 39 -22.97 1.43 -4.87
CA LEU A 39 -22.65 0.77 -6.13
C LEU A 39 -22.27 1.80 -7.19
N VAL A 40 -20.97 1.89 -7.48
CA VAL A 40 -20.49 2.81 -8.50
C VAL A 40 -20.56 2.04 -9.81
N THR A 41 -21.31 2.60 -10.75
CA THR A 41 -21.53 1.97 -12.04
C THR A 41 -20.54 2.35 -13.12
N MET A 42 -19.97 3.54 -13.03
CA MET A 42 -19.05 4.04 -14.05
C MET A 42 -19.82 4.03 -15.38
N ASP A 43 -21.13 4.24 -15.31
CA ASP A 43 -21.93 4.24 -16.54
C ASP A 43 -21.99 5.60 -17.23
N ASP A 44 -22.82 5.67 -18.25
CA ASP A 44 -23.00 6.88 -19.05
C ASP A 44 -23.04 8.16 -18.21
N THR A 45 -23.82 8.17 -17.13
CA THR A 45 -23.90 9.36 -16.28
C THR A 45 -23.14 9.19 -14.97
N ARG A 46 -22.18 8.27 -14.95
CA ARG A 46 -21.36 8.01 -13.76
C ARG A 46 -22.18 7.81 -12.49
N ARG A 47 -23.32 7.13 -12.60
CA ARG A 47 -24.18 6.89 -11.44
C ARG A 47 -23.46 6.11 -10.34
N GLU A 48 -23.82 6.43 -9.10
CA GLU A 48 -23.29 5.77 -7.89
C GLU A 48 -24.56 5.58 -7.07
N LEU A 49 -25.09 4.37 -7.07
CA LEU A 49 -26.32 4.05 -6.36
C LEU A 49 -26.17 3.52 -4.93
N ARG A 50 -27.17 3.77 -4.11
CA ARG A 50 -27.16 3.29 -2.73
C ARG A 50 -28.30 2.29 -2.55
N ASP A 51 -28.02 1.21 -1.83
CA ASP A 51 -28.99 0.16 -1.60
C ASP A 51 -29.39 -0.36 -2.97
N ALA A 52 -28.38 -0.72 -3.75
CA ALA A 52 -28.59 -1.19 -5.11
C ALA A 52 -27.96 -2.54 -5.41
N GLY A 53 -28.15 -2.99 -6.65
CA GLY A 53 -27.61 -4.27 -7.06
C GLY A 53 -27.59 -4.46 -8.56
N LEU A 54 -27.44 -5.72 -8.97
CA LEU A 54 -27.37 -6.05 -10.38
C LEU A 54 -28.15 -7.31 -10.69
N TYR A 55 -28.76 -7.35 -11.87
CA TYR A 55 -29.45 -8.55 -12.31
C TYR A 55 -28.64 -9.09 -13.49
N ILE A 56 -28.13 -10.30 -13.34
CA ILE A 56 -27.29 -10.92 -14.34
C ILE A 56 -27.81 -12.22 -14.95
N GLU A 57 -27.66 -12.34 -16.26
CA GLU A 57 -28.06 -13.53 -17.01
C GLU A 57 -26.78 -14.11 -17.60
N ASP A 58 -26.40 -15.29 -17.14
CA ASP A 58 -25.19 -15.94 -17.59
C ASP A 58 -23.99 -15.05 -17.33
N ASN A 59 -23.35 -14.53 -18.38
CA ASN A 59 -22.19 -13.67 -18.18
C ASN A 59 -22.40 -12.21 -18.56
N ARG A 60 -23.66 -11.78 -18.63
CA ARG A 60 -23.96 -10.40 -18.99
C ARG A 60 -24.90 -9.70 -18.03
N ILE A 61 -24.61 -8.42 -17.76
CA ILE A 61 -25.45 -7.61 -16.88
C ILE A 61 -26.66 -7.20 -17.71
N VAL A 62 -27.86 -7.44 -17.19
CA VAL A 62 -29.06 -7.06 -17.92
C VAL A 62 -29.71 -5.85 -17.25
N ALA A 63 -29.53 -5.72 -15.94
CA ALA A 63 -30.11 -4.60 -15.23
C ALA A 63 -29.28 -4.14 -14.04
N VAL A 64 -29.21 -2.83 -13.88
CA VAL A 64 -28.47 -2.22 -12.79
C VAL A 64 -29.34 -1.11 -12.22
N GLY A 65 -29.41 -1.01 -10.89
CA GLY A 65 -30.22 0.04 -10.29
C GLY A 65 -30.65 -0.22 -8.86
N PRO A 66 -31.53 0.64 -8.30
CA PRO A 66 -32.01 0.47 -6.93
C PRO A 66 -32.55 -0.95 -6.82
N SER A 67 -32.27 -1.61 -5.71
CA SER A 67 -32.72 -2.99 -5.54
C SER A 67 -34.23 -3.19 -5.59
N ALA A 68 -34.98 -2.20 -5.14
CA ALA A 68 -36.44 -2.29 -5.17
C ALA A 68 -36.92 -2.40 -6.62
N GLU A 69 -36.16 -1.80 -7.53
CA GLU A 69 -36.50 -1.81 -8.95
C GLU A 69 -35.98 -3.05 -9.67
N LEU A 70 -35.32 -3.95 -8.95
CA LEU A 70 -34.78 -5.16 -9.56
C LEU A 70 -35.44 -6.44 -9.09
N PRO A 71 -35.24 -7.55 -9.82
CA PRO A 71 -35.84 -8.83 -9.41
C PRO A 71 -35.48 -9.13 -7.96
N GLU A 72 -36.38 -9.79 -7.25
CA GLU A 72 -36.15 -10.13 -5.86
C GLU A 72 -35.36 -11.42 -5.68
N THR A 73 -35.26 -12.22 -6.74
CA THR A 73 -34.53 -13.48 -6.66
C THR A 73 -33.87 -13.90 -7.97
N ALA A 74 -32.95 -14.86 -7.86
CA ALA A 74 -32.22 -15.41 -9.00
C ALA A 74 -31.67 -16.76 -8.53
N ASP A 75 -30.97 -17.46 -9.42
CA ASP A 75 -30.39 -18.77 -9.07
C ASP A 75 -29.38 -18.64 -7.96
N GLU A 76 -28.64 -17.54 -7.98
CA GLU A 76 -27.65 -17.27 -6.95
C GLU A 76 -27.87 -15.83 -6.57
N VAL A 77 -28.00 -15.57 -5.27
CA VAL A 77 -28.21 -14.21 -4.84
C VAL A 77 -27.16 -13.78 -3.84
N LEU A 78 -26.57 -12.62 -4.09
CA LEU A 78 -25.55 -12.07 -3.20
C LEU A 78 -26.12 -10.81 -2.57
N ASP A 79 -26.48 -10.89 -1.30
CA ASP A 79 -26.99 -9.74 -0.57
C ASP A 79 -25.75 -9.04 -0.02
N LEU A 80 -25.33 -7.97 -0.68
CA LEU A 80 -24.11 -7.27 -0.29
C LEU A 80 -24.25 -6.07 0.62
N ARG A 81 -25.28 -6.09 1.46
CA ARG A 81 -25.46 -5.00 2.40
C ARG A 81 -24.14 -4.84 3.15
N GLY A 82 -23.79 -3.60 3.50
CA GLY A 82 -22.54 -3.36 4.19
C GLY A 82 -21.33 -3.37 3.25
N HIS A 83 -21.58 -3.49 1.94
CA HIS A 83 -20.48 -3.53 0.96
C HIS A 83 -20.45 -2.43 -0.10
N LEU A 84 -19.24 -2.14 -0.57
CA LEU A 84 -19.03 -1.18 -1.64
C LEU A 84 -18.84 -2.07 -2.87
N VAL A 85 -19.65 -1.90 -3.90
CA VAL A 85 -19.48 -2.71 -5.10
C VAL A 85 -19.04 -1.82 -6.23
N ILE A 86 -18.03 -2.30 -6.95
CA ILE A 86 -17.38 -1.57 -8.03
C ILE A 86 -17.16 -2.42 -9.27
N PRO A 87 -17.11 -1.78 -10.47
CA PRO A 87 -16.88 -2.61 -11.64
C PRO A 87 -15.50 -3.24 -11.47
N GLY A 88 -15.32 -4.43 -12.03
CA GLY A 88 -14.03 -5.09 -11.90
C GLY A 88 -12.88 -4.22 -12.33
N LEU A 89 -11.80 -4.28 -11.56
CA LEU A 89 -10.62 -3.51 -11.88
C LEU A 89 -9.94 -4.21 -13.07
N VAL A 90 -9.32 -3.42 -13.95
CA VAL A 90 -8.63 -3.94 -15.13
C VAL A 90 -7.12 -3.72 -15.02
N ASN A 91 -6.33 -4.80 -15.06
CA ASN A 91 -4.87 -4.69 -14.99
C ASN A 91 -4.35 -4.66 -16.42
N THR A 92 -3.55 -3.65 -16.76
CA THR A 92 -3.06 -3.53 -18.14
C THR A 92 -1.58 -3.78 -18.43
N HIS A 93 -0.84 -4.29 -17.46
CA HIS A 93 0.56 -4.64 -17.69
C HIS A 93 1.06 -5.56 -16.58
N HIS A 94 1.74 -6.63 -16.98
CA HIS A 94 2.24 -7.62 -16.03
C HIS A 94 3.32 -8.53 -16.66
N HIS A 95 4.01 -9.26 -15.79
CA HIS A 95 5.02 -10.26 -16.16
C HIS A 95 4.76 -11.28 -15.04
N MET A 96 3.64 -11.98 -15.15
CA MET A 96 3.21 -12.95 -14.15
C MET A 96 4.26 -13.97 -13.74
N TYR A 97 5.02 -14.48 -14.70
CA TYR A 97 6.05 -15.47 -14.39
C TYR A 97 7.04 -14.95 -13.34
N GLN A 98 7.16 -13.63 -13.22
CA GLN A 98 8.08 -13.05 -12.24
C GLN A 98 7.63 -13.24 -10.80
N SER A 99 6.39 -13.70 -10.61
CA SER A 99 5.89 -13.94 -9.27
C SER A 99 6.71 -15.01 -8.56
N LEU A 100 7.48 -15.78 -9.34
CA LEU A 100 8.33 -16.86 -8.82
C LEU A 100 9.67 -16.35 -8.30
N THR A 101 10.02 -15.13 -8.70
CA THR A 101 11.28 -14.53 -8.30
C THR A 101 11.09 -13.14 -7.72
N ARG A 102 10.45 -13.05 -6.56
CA ARG A 102 10.21 -11.77 -5.90
C ARG A 102 11.23 -11.58 -4.80
N ALA A 103 11.64 -10.34 -4.57
CA ALA A 103 12.61 -10.04 -3.52
C ALA A 103 13.90 -10.85 -3.63
N VAL A 104 14.30 -11.24 -4.84
CA VAL A 104 15.56 -11.97 -4.96
C VAL A 104 16.65 -10.99 -4.48
N PRO A 105 17.56 -11.46 -3.60
CA PRO A 105 18.66 -10.67 -3.03
C PRO A 105 19.45 -9.76 -3.98
N ALA A 106 19.85 -10.28 -5.13
CA ALA A 106 20.62 -9.48 -6.08
C ALA A 106 19.77 -8.45 -6.83
N ALA A 107 18.46 -8.65 -6.84
CA ALA A 107 17.60 -7.73 -7.55
C ALA A 107 17.02 -6.64 -6.68
N GLN A 108 17.01 -6.88 -5.37
CA GLN A 108 16.44 -5.92 -4.42
C GLN A 108 16.89 -4.47 -4.50
N ASN A 109 18.18 -4.24 -4.63
CA ASN A 109 18.70 -2.87 -4.67
C ASN A 109 19.56 -2.58 -5.91
N ALA A 110 19.25 -3.22 -7.02
CA ALA A 110 20.00 -3.01 -8.25
C ALA A 110 19.33 -2.00 -9.19
N GLU A 111 20.09 -1.51 -10.17
CA GLU A 111 19.51 -0.59 -11.14
C GLU A 111 19.12 -1.53 -12.28
N LEU A 112 18.30 -1.06 -13.21
CA LEU A 112 17.80 -1.87 -14.31
C LEU A 112 18.71 -2.91 -14.95
N PHE A 113 19.95 -2.53 -15.26
CA PHE A 113 20.86 -3.47 -15.89
C PHE A 113 21.30 -4.62 -14.99
N GLY A 114 21.60 -4.33 -13.73
CA GLY A 114 22.00 -5.38 -12.82
C GLY A 114 20.79 -6.24 -12.51
N TRP A 115 19.65 -5.57 -12.33
CA TRP A 115 18.37 -6.22 -12.05
C TRP A 115 18.17 -7.26 -13.14
N LEU A 116 18.39 -6.85 -14.38
CA LEU A 116 18.23 -7.69 -15.56
C LEU A 116 19.21 -8.85 -15.69
N THR A 117 20.51 -8.57 -15.61
CA THR A 117 21.51 -9.61 -15.75
C THR A 117 21.38 -10.71 -14.70
N ASN A 118 21.11 -10.33 -13.46
CA ASN A 118 20.96 -11.34 -12.42
C ASN A 118 19.67 -12.16 -12.59
N LEU A 119 18.55 -11.47 -12.78
CA LEU A 119 17.27 -12.15 -12.95
C LEU A 119 17.22 -13.07 -14.16
N TYR A 120 17.89 -12.66 -15.25
CA TYR A 120 17.91 -13.50 -16.45
C TYR A 120 18.61 -14.84 -16.16
N LYS A 121 19.60 -14.81 -15.28
CA LYS A 121 20.32 -16.03 -14.91
C LYS A 121 19.35 -17.02 -14.27
N ILE A 122 18.33 -16.47 -13.63
CA ILE A 122 17.32 -17.26 -12.97
C ILE A 122 16.23 -17.67 -13.97
N TRP A 123 15.64 -16.70 -14.65
CA TRP A 123 14.57 -16.97 -15.61
C TRP A 123 14.94 -17.96 -16.71
N ALA A 124 16.23 -18.13 -16.95
CA ALA A 124 16.69 -19.04 -17.99
C ALA A 124 16.40 -20.50 -17.65
N HIS A 125 15.98 -20.75 -16.41
CA HIS A 125 15.66 -22.10 -15.96
C HIS A 125 14.17 -22.37 -15.83
N LEU A 126 13.35 -21.44 -16.33
CA LEU A 126 11.90 -21.59 -16.27
C LEU A 126 11.39 -22.81 -17.02
N THR A 127 10.33 -23.42 -16.50
CA THR A 127 9.75 -24.61 -17.11
C THR A 127 8.25 -24.42 -17.39
N PRO A 128 7.68 -25.27 -18.25
CA PRO A 128 6.25 -25.20 -18.60
C PRO A 128 5.35 -25.20 -17.34
N GLU A 129 5.67 -26.06 -16.37
CA GLU A 129 4.90 -26.11 -15.14
C GLU A 129 5.01 -24.79 -14.38
N MET A 130 6.22 -24.25 -14.31
CA MET A 130 6.41 -22.99 -13.62
C MET A 130 5.56 -21.88 -14.25
N ILE A 131 5.45 -21.88 -15.57
CA ILE A 131 4.64 -20.89 -16.24
C ILE A 131 3.18 -21.08 -15.84
N GLU A 132 2.75 -22.34 -15.73
CA GLU A 132 1.37 -22.61 -15.33
C GLU A 132 1.10 -22.19 -13.90
N VAL A 133 1.95 -22.64 -12.98
CA VAL A 133 1.77 -22.32 -11.56
C VAL A 133 1.87 -20.82 -11.27
N SER A 134 2.87 -20.15 -11.85
CA SER A 134 3.02 -18.72 -11.60
C SER A 134 1.80 -17.95 -12.12
N THR A 135 1.24 -18.37 -13.25
CA THR A 135 0.06 -17.69 -13.76
C THR A 135 -1.09 -17.81 -12.73
N LEU A 136 -1.29 -19.01 -12.19
CA LEU A 136 -2.34 -19.23 -11.21
C LEU A 136 -2.13 -18.34 -9.99
N THR A 137 -0.91 -18.30 -9.50
CA THR A 137 -0.58 -17.50 -8.32
C THR A 137 -0.79 -16.00 -8.57
N ALA A 138 -0.25 -15.49 -9.67
CA ALA A 138 -0.42 -14.08 -9.97
C ALA A 138 -1.90 -13.72 -10.13
N MET A 139 -2.65 -14.52 -10.87
CA MET A 139 -4.06 -14.21 -11.05
C MET A 139 -4.83 -14.24 -9.73
N ALA A 140 -4.45 -15.16 -8.84
CA ALA A 140 -5.12 -15.26 -7.55
C ALA A 140 -4.90 -13.97 -6.74
N GLU A 141 -3.68 -13.44 -6.76
CA GLU A 141 -3.40 -12.21 -6.02
C GLU A 141 -4.23 -11.06 -6.57
N LEU A 142 -4.38 -11.00 -7.89
CA LEU A 142 -5.15 -9.94 -8.55
C LEU A 142 -6.63 -10.04 -8.30
N LEU A 143 -7.18 -11.25 -8.44
CA LEU A 143 -8.59 -11.49 -8.20
C LEU A 143 -8.95 -11.17 -6.77
N GLN A 144 -8.07 -11.53 -5.84
CA GLN A 144 -8.33 -11.26 -4.43
C GLN A 144 -8.21 -9.78 -4.06
N SER A 145 -7.84 -8.95 -5.03
CA SER A 145 -7.70 -7.52 -4.77
C SER A 145 -8.64 -6.68 -5.63
N GLY A 146 -9.59 -7.36 -6.28
CA GLY A 146 -10.57 -6.67 -7.10
C GLY A 146 -10.37 -6.64 -8.61
N CYS A 147 -9.28 -7.23 -9.07
CA CYS A 147 -8.97 -7.26 -10.49
C CYS A 147 -9.64 -8.44 -11.20
N THR A 148 -10.51 -8.13 -12.16
CA THR A 148 -11.25 -9.15 -12.88
C THR A 148 -10.78 -9.43 -14.31
N THR A 149 -10.02 -8.49 -14.86
CA THR A 149 -9.48 -8.62 -16.21
C THR A 149 -8.02 -8.27 -16.17
N SER A 150 -7.21 -9.08 -16.83
CA SER A 150 -5.80 -8.78 -16.87
C SER A 150 -5.09 -9.25 -18.12
N SER A 151 -4.09 -8.47 -18.50
CA SER A 151 -3.28 -8.82 -19.64
C SER A 151 -1.99 -9.27 -18.96
N ASP A 152 -1.07 -9.83 -19.74
CA ASP A 152 0.21 -10.25 -19.23
C ASP A 152 1.20 -9.97 -20.35
N HIS A 153 2.47 -10.09 -20.06
CA HIS A 153 3.50 -9.82 -21.06
C HIS A 153 4.65 -10.79 -20.87
N LEU A 154 4.42 -12.04 -21.28
CA LEU A 154 5.42 -13.09 -21.21
C LEU A 154 6.26 -13.01 -22.48
N TYR A 155 7.47 -12.47 -22.38
CA TYR A 155 8.35 -12.28 -23.52
C TYR A 155 9.49 -13.28 -23.63
N ILE A 156 9.51 -14.28 -22.75
CA ILE A 156 10.53 -15.32 -22.78
C ILE A 156 9.85 -16.67 -22.67
N TYR A 157 10.34 -17.66 -23.40
CA TYR A 157 9.74 -18.98 -23.42
C TYR A 157 10.80 -20.07 -23.33
N PRO A 158 11.45 -20.20 -22.18
CA PRO A 158 12.49 -21.20 -22.00
C PRO A 158 12.02 -22.62 -21.72
N ASN A 159 12.93 -23.54 -21.97
CA ASN A 159 12.71 -24.95 -21.74
C ASN A 159 11.37 -25.48 -22.22
N GLY A 160 10.99 -25.09 -23.43
CA GLY A 160 9.73 -25.56 -23.98
C GLY A 160 8.47 -24.90 -23.48
N SER A 161 8.58 -23.81 -22.73
CA SER A 161 7.39 -23.12 -22.24
C SER A 161 6.63 -22.53 -23.43
N ARG A 162 5.35 -22.25 -23.23
CA ARG A 162 4.53 -21.68 -24.29
C ARG A 162 3.45 -20.81 -23.68
N LEU A 163 2.92 -19.89 -24.48
CA LEU A 163 1.84 -19.02 -24.02
C LEU A 163 0.68 -19.92 -23.60
N ASP A 164 0.55 -21.05 -24.28
CA ASP A 164 -0.50 -22.03 -24.02
C ASP A 164 -0.55 -22.40 -22.53
N ASP A 165 0.63 -22.50 -21.91
CA ASP A 165 0.73 -22.83 -20.50
C ASP A 165 0.04 -21.78 -19.62
N SER A 166 0.14 -20.51 -19.98
CA SER A 166 -0.51 -19.46 -19.20
C SER A 166 -2.01 -19.49 -19.46
N ILE A 167 -2.37 -19.68 -20.73
CA ILE A 167 -3.77 -19.69 -21.09
C ILE A 167 -4.58 -20.77 -20.38
N GLY A 168 -3.96 -21.93 -20.18
CA GLY A 168 -4.65 -23.01 -19.49
C GLY A 168 -4.91 -22.63 -18.05
N ALA A 169 -3.92 -21.98 -17.42
CA ALA A 169 -4.05 -21.58 -16.04
C ALA A 169 -5.18 -20.56 -15.90
N ALA A 170 -5.24 -19.61 -16.83
CA ALA A 170 -6.26 -18.58 -16.81
C ALA A 170 -7.66 -19.18 -16.94
N GLN A 171 -7.80 -20.20 -17.78
CA GLN A 171 -9.09 -20.84 -17.97
C GLN A 171 -9.53 -21.60 -16.71
N ARG A 172 -8.58 -22.19 -16.01
CA ARG A 172 -8.91 -22.91 -14.79
C ARG A 172 -9.31 -21.98 -13.64
N ILE A 173 -8.61 -20.85 -13.50
CA ILE A 173 -8.93 -19.94 -12.40
C ILE A 173 -10.13 -19.05 -12.65
N GLY A 174 -10.45 -18.83 -13.93
CA GLY A 174 -11.61 -18.00 -14.26
C GLY A 174 -11.43 -16.50 -14.42
N MET A 175 -10.24 -16.05 -14.82
CA MET A 175 -9.98 -14.63 -15.01
C MET A 175 -10.06 -14.24 -16.49
N ARG A 176 -10.70 -13.10 -16.80
CA ARG A 176 -10.79 -12.66 -18.18
C ARG A 176 -9.33 -12.33 -18.50
N PHE A 177 -8.80 -12.96 -19.55
CA PHE A 177 -7.39 -12.82 -19.90
C PHE A 177 -7.02 -12.31 -21.29
N HIS A 178 -6.01 -11.44 -21.31
CA HIS A 178 -5.48 -10.91 -22.56
C HIS A 178 -4.05 -11.43 -22.60
N ALA A 179 -3.87 -12.58 -23.23
CA ALA A 179 -2.56 -13.20 -23.31
C ALA A 179 -1.70 -12.57 -24.41
N SER A 180 -0.55 -12.06 -24.00
CA SER A 180 0.37 -11.42 -24.94
C SER A 180 1.49 -12.37 -25.36
N ARG A 181 1.82 -12.32 -26.64
CA ARG A 181 2.89 -13.14 -27.17
C ARG A 181 4.11 -12.23 -27.29
N GLY A 182 4.83 -12.08 -26.18
CA GLY A 182 6.01 -11.23 -26.17
C GLY A 182 7.20 -11.93 -26.80
N ALA A 183 8.26 -11.17 -27.08
CA ALA A 183 9.45 -11.73 -27.70
C ALA A 183 10.67 -10.80 -27.73
N MET A 184 11.85 -11.43 -27.81
CA MET A 184 13.14 -10.76 -27.88
C MET A 184 13.96 -11.48 -28.95
N SER A 185 14.87 -10.75 -29.58
CA SER A 185 15.75 -11.32 -30.61
C SER A 185 17.20 -10.88 -30.40
N GLU A 202 13.62 -15.10 -34.84
CA GLU A 202 12.66 -14.05 -35.16
C GLU A 202 11.54 -14.57 -36.09
N PRO A 203 11.90 -15.34 -37.13
CA PRO A 203 10.85 -15.85 -38.02
C PRO A 203 9.87 -16.77 -37.27
N ASP A 204 10.37 -17.42 -36.23
CA ASP A 204 9.56 -18.31 -35.42
C ASP A 204 8.60 -17.51 -34.54
N ILE A 205 9.02 -16.32 -34.15
CA ILE A 205 8.20 -15.45 -33.32
C ILE A 205 6.85 -15.24 -34.00
N LEU A 206 6.90 -14.82 -35.26
CA LEU A 206 5.70 -14.54 -36.03
C LEU A 206 4.79 -15.75 -36.29
N ARG A 207 5.38 -16.91 -36.53
CA ARG A 207 4.57 -18.10 -36.78
C ARG A 207 3.80 -18.51 -35.53
N ASP A 208 4.48 -18.48 -34.39
CA ASP A 208 3.86 -18.84 -33.13
C ASP A 208 2.76 -17.84 -32.82
N THR A 209 3.08 -16.56 -32.99
CA THR A 209 2.12 -15.49 -32.75
C THR A 209 0.85 -15.73 -33.53
N GLN A 210 0.99 -16.10 -34.80
CA GLN A 210 -0.17 -16.36 -35.65
C GLN A 210 -0.91 -17.59 -35.14
N ARG A 211 -0.15 -18.64 -34.81
CA ARG A 211 -0.75 -19.88 -34.30
C ARG A 211 -1.64 -19.60 -33.09
N LEU A 212 -1.10 -18.84 -32.14
CA LEU A 212 -1.82 -18.50 -30.93
C LEU A 212 -3.08 -17.67 -31.18
N ILE A 213 -3.00 -16.70 -32.09
CA ILE A 213 -4.16 -15.86 -32.39
C ILE A 213 -5.29 -16.71 -32.96
N GLU A 214 -4.95 -17.52 -33.96
CA GLU A 214 -5.91 -18.40 -34.61
C GLU A 214 -6.52 -19.40 -33.63
N THR A 215 -5.70 -19.89 -32.71
CA THR A 215 -6.16 -20.89 -31.74
C THR A 215 -7.00 -20.34 -30.59
N TYR A 216 -6.52 -19.26 -29.97
CA TYR A 216 -7.17 -18.70 -28.80
C TYR A 216 -7.94 -17.38 -28.85
N HIS A 217 -7.67 -16.52 -29.81
CA HIS A 217 -8.37 -15.23 -29.84
C HIS A 217 -9.85 -15.29 -30.12
N ASP A 218 -10.64 -14.74 -29.19
CA ASP A 218 -12.09 -14.70 -29.30
C ASP A 218 -12.49 -13.23 -29.41
N GLU A 219 -12.92 -12.82 -30.60
CA GLU A 219 -13.32 -11.43 -30.84
C GLU A 219 -14.77 -11.17 -30.45
N GLY A 220 -15.48 -12.23 -30.08
CA GLY A 220 -16.88 -12.06 -29.69
C GLY A 220 -17.00 -11.27 -28.39
N ARG A 221 -18.16 -10.66 -28.19
CA ARG A 221 -18.43 -9.89 -26.99
C ARG A 221 -18.39 -10.81 -25.76
N TYR A 222 -17.83 -10.32 -24.65
CA TYR A 222 -17.72 -11.08 -23.41
C TYR A 222 -16.64 -12.15 -23.45
N ALA A 223 -15.73 -12.00 -24.39
CA ALA A 223 -14.63 -12.95 -24.53
C ALA A 223 -13.81 -13.02 -23.25
N MET A 224 -13.45 -14.23 -22.84
CA MET A 224 -12.65 -14.46 -21.65
C MET A 224 -11.19 -14.62 -22.04
N LEU A 225 -10.95 -14.68 -23.35
CA LEU A 225 -9.59 -14.85 -23.84
C LEU A 225 -9.35 -14.06 -25.12
N ARG A 226 -8.27 -13.30 -25.15
CA ARG A 226 -7.87 -12.55 -26.33
C ARG A 226 -6.37 -12.54 -26.42
N VAL A 227 -5.85 -12.51 -27.64
CA VAL A 227 -4.40 -12.52 -27.82
C VAL A 227 -3.89 -11.15 -28.23
N VAL A 228 -2.64 -10.87 -27.86
CA VAL A 228 -2.02 -9.60 -28.20
C VAL A 228 -0.58 -9.81 -28.67
N VAL A 229 -0.20 -9.10 -29.73
CA VAL A 229 1.15 -9.19 -30.31
C VAL A 229 1.98 -8.24 -29.47
N ALA A 230 3.02 -8.76 -28.82
CA ALA A 230 3.79 -7.90 -27.95
C ALA A 230 5.31 -8.03 -27.85
N PRO A 231 6.03 -7.59 -28.89
CA PRO A 231 7.48 -7.73 -28.72
C PRO A 231 7.87 -6.87 -27.51
N CYS A 232 8.75 -7.38 -26.67
CA CYS A 232 9.18 -6.69 -25.45
C CYS A 232 9.35 -5.18 -25.60
N SER A 233 9.96 -4.73 -26.69
CA SER A 233 10.15 -3.30 -26.94
C SER A 233 10.67 -3.08 -28.35
N PRO A 234 10.70 -1.82 -28.81
CA PRO A 234 11.19 -1.58 -30.17
C PRO A 234 12.70 -1.78 -30.28
N PHE A 235 13.39 -1.85 -29.14
CA PHE A 235 14.83 -2.03 -29.14
C PHE A 235 15.23 -3.46 -28.81
N SER A 236 14.26 -4.37 -28.74
CA SER A 236 14.55 -5.77 -28.42
C SER A 236 14.33 -6.67 -29.63
N VAL A 237 13.77 -6.09 -30.70
CA VAL A 237 13.54 -6.84 -31.93
C VAL A 237 13.92 -5.91 -33.09
N SER A 238 13.96 -6.43 -34.31
CA SER A 238 14.32 -5.60 -35.45
C SER A 238 13.12 -4.71 -35.78
N ARG A 239 13.34 -3.65 -36.55
CA ARG A 239 12.24 -2.77 -36.91
C ARG A 239 11.39 -3.52 -37.93
N ASP A 240 11.97 -4.56 -38.52
CA ASP A 240 11.26 -5.37 -39.49
C ASP A 240 10.18 -6.18 -38.77
N LEU A 241 10.56 -6.78 -37.65
CA LEU A 241 9.62 -7.57 -36.86
C LEU A 241 8.54 -6.62 -36.36
N MET A 242 8.95 -5.44 -35.89
CA MET A 242 7.99 -4.45 -35.41
C MET A 242 6.94 -4.16 -36.48
N ARG A 243 7.37 -3.95 -37.72
CA ARG A 243 6.43 -3.68 -38.82
C ARG A 243 5.55 -4.88 -39.10
N ASP A 244 6.18 -6.05 -39.15
CA ASP A 244 5.47 -7.29 -39.41
C ASP A 244 4.41 -7.55 -38.34
N ALA A 245 4.80 -7.34 -37.08
CA ALA A 245 3.88 -7.53 -35.96
C ALA A 245 2.64 -6.67 -36.14
N ALA A 246 2.85 -5.38 -36.40
CA ALA A 246 1.74 -4.46 -36.59
C ALA A 246 0.80 -4.94 -37.70
N VAL A 247 1.34 -5.29 -38.85
CA VAL A 247 0.49 -5.75 -39.94
C VAL A 247 -0.18 -7.07 -39.55
N LEU A 248 0.58 -7.97 -38.94
CA LEU A 248 0.00 -9.24 -38.52
C LEU A 248 -1.19 -8.96 -37.62
N ALA A 249 -0.98 -8.11 -36.61
CA ALA A 249 -2.03 -7.76 -35.66
C ALA A 249 -3.24 -7.14 -36.32
N ARG A 250 -3.02 -6.15 -37.17
CA ARG A 250 -4.13 -5.48 -37.83
C ARG A 250 -4.86 -6.43 -38.76
N GLU A 251 -4.16 -7.47 -39.20
CA GLU A 251 -4.78 -8.42 -40.09
C GLU A 251 -5.81 -9.26 -39.34
N TYR A 252 -5.49 -9.66 -38.11
CA TYR A 252 -6.42 -10.47 -37.32
C TYR A 252 -7.29 -9.63 -36.39
N GLY A 253 -7.13 -8.32 -36.45
CA GLY A 253 -7.92 -7.43 -35.62
C GLY A 253 -7.60 -7.50 -34.13
N VAL A 254 -6.34 -7.71 -33.79
CA VAL A 254 -5.93 -7.80 -32.39
C VAL A 254 -5.10 -6.59 -32.00
N SER A 255 -4.80 -6.44 -30.71
CA SER A 255 -4.03 -5.31 -30.25
C SER A 255 -2.52 -5.50 -30.26
N LEU A 256 -1.80 -4.40 -30.08
CA LEU A 256 -0.35 -4.38 -30.04
C LEU A 256 0.08 -3.78 -28.71
N HIS A 257 1.16 -4.30 -28.12
CA HIS A 257 1.63 -3.82 -26.83
C HIS A 257 3.13 -3.99 -26.70
N THR A 258 3.76 -3.03 -26.02
CA THR A 258 5.20 -3.10 -25.80
C THR A 258 5.64 -2.07 -24.76
N HIS A 259 6.91 -2.12 -24.38
CA HIS A 259 7.46 -1.16 -23.43
C HIS A 259 7.90 0.07 -24.22
N LEU A 260 7.72 1.25 -23.64
CA LEU A 260 8.11 2.48 -24.33
C LEU A 260 8.49 3.63 -23.41
N ALA A 261 9.64 4.24 -23.70
CA ALA A 261 10.12 5.40 -22.95
C ALA A 261 10.05 5.29 -21.43
N GLU A 262 10.50 4.17 -20.89
CA GLU A 262 10.46 3.94 -19.45
C GLU A 262 11.56 4.60 -18.63
N ASN A 263 12.68 4.91 -19.26
CA ASN A 263 13.78 5.56 -18.54
C ASN A 263 14.60 6.51 -19.39
N VAL A 264 15.62 7.10 -18.78
CA VAL A 264 16.50 8.04 -19.46
C VAL A 264 17.30 7.39 -20.59
N ASN A 265 17.72 6.14 -20.41
CA ASN A 265 18.49 5.49 -21.45
C ASN A 265 17.68 5.28 -22.72
N ASP A 266 16.38 5.06 -22.56
CA ASP A 266 15.49 4.84 -23.70
C ASP A 266 15.50 6.02 -24.67
N ILE A 267 15.37 7.23 -24.17
CA ILE A 267 15.36 8.40 -25.02
C ILE A 267 16.70 8.52 -25.73
N ALA A 268 17.77 8.43 -24.95
CA ALA A 268 19.12 8.51 -25.49
C ALA A 268 19.30 7.47 -26.59
N TYR A 269 18.44 6.46 -26.58
CA TYR A 269 18.49 5.38 -27.56
C TYR A 269 17.30 5.49 -28.52
N THR A 277 12.70 10.27 -31.40
CA THR A 277 12.28 9.86 -30.06
C THR A 277 11.53 8.54 -30.10
N PRO A 278 11.22 7.97 -28.91
CA PRO A 278 10.51 6.70 -28.81
C PRO A 278 9.13 6.72 -29.48
N ALA A 279 8.40 7.82 -29.30
CA ALA A 279 7.05 7.94 -29.88
C ALA A 279 7.14 8.09 -31.41
N GLU A 280 8.07 8.93 -31.87
CA GLU A 280 8.25 9.13 -33.31
C GLU A 280 8.61 7.76 -33.90
N TYR A 281 9.52 7.07 -33.22
CA TYR A 281 9.93 5.74 -33.67
C TYR A 281 8.71 4.83 -33.73
N ALA A 282 7.80 4.99 -32.77
CA ALA A 282 6.59 4.17 -32.71
C ALA A 282 5.61 4.52 -33.84
N GLU A 283 5.37 5.81 -34.03
CA GLU A 283 4.48 6.24 -35.10
C GLU A 283 5.02 5.77 -36.45
N ASP A 284 6.33 5.93 -36.64
CA ASP A 284 6.99 5.54 -37.88
C ASP A 284 6.79 4.05 -38.17
N LEU A 285 6.82 3.23 -37.13
CA LEU A 285 6.64 1.79 -37.31
C LEU A 285 5.15 1.42 -37.36
N GLY A 286 4.29 2.41 -37.19
CA GLY A 286 2.86 2.15 -37.21
C GLY A 286 2.30 1.77 -35.84
N TRP A 287 3.11 1.92 -34.80
CA TRP A 287 2.66 1.57 -33.46
C TRP A 287 1.91 2.66 -32.69
N VAL A 288 0.83 3.13 -33.29
CA VAL A 288 -0.04 4.13 -32.69
C VAL A 288 -1.43 3.70 -33.14
N GLY A 289 -2.46 4.08 -32.39
CA GLY A 289 -3.81 3.70 -32.76
C GLY A 289 -4.60 3.17 -31.57
N HIS A 290 -5.91 3.04 -31.74
CA HIS A 290 -6.77 2.56 -30.66
C HIS A 290 -6.45 1.13 -30.27
N ASP A 291 -5.82 0.39 -31.19
CA ASP A 291 -5.47 -1.01 -30.96
C ASP A 291 -4.04 -1.16 -30.45
N VAL A 292 -3.51 -0.10 -29.84
CA VAL A 292 -2.14 -0.09 -29.33
C VAL A 292 -2.11 0.55 -27.94
N TRP A 293 -1.18 0.11 -27.10
CA TRP A 293 -1.00 0.71 -25.77
C TRP A 293 0.42 0.36 -25.30
N HIS A 294 1.12 1.36 -24.77
CA HIS A 294 2.49 1.17 -24.31
C HIS A 294 2.61 1.29 -22.80
N ALA A 295 3.41 0.40 -22.22
CA ALA A 295 3.63 0.39 -20.78
C ALA A 295 4.71 1.38 -20.33
N HIS A 296 4.48 1.97 -19.16
CA HIS A 296 5.39 2.93 -18.54
C HIS A 296 5.30 4.34 -19.10
N CYS A 297 6.01 4.60 -20.20
CA CYS A 297 5.98 5.93 -20.83
C CYS A 297 6.26 7.06 -19.85
N VAL A 298 7.05 6.78 -18.82
CA VAL A 298 7.36 7.80 -17.83
C VAL A 298 8.14 8.95 -18.50
N GLN A 299 8.91 8.62 -19.53
CA GLN A 299 9.74 9.59 -20.22
C GLN A 299 9.14 10.11 -21.53
N LEU A 300 7.84 9.91 -21.72
CA LEU A 300 7.18 10.37 -22.94
C LEU A 300 7.15 11.91 -22.97
N ASP A 301 7.65 12.50 -24.04
CA ASP A 301 7.68 13.95 -24.16
C ASP A 301 6.33 14.53 -24.57
N ASP A 302 6.20 15.85 -24.49
CA ASP A 302 4.95 16.52 -24.84
C ASP A 302 4.42 16.20 -26.24
N ALA A 303 5.32 16.02 -27.21
CA ALA A 303 4.89 15.68 -28.58
C ALA A 303 4.31 14.27 -28.59
N GLY A 304 4.99 13.35 -27.91
CA GLY A 304 4.51 11.98 -27.84
C GLY A 304 3.11 11.95 -27.27
N ILE A 305 2.92 12.72 -26.20
CA ILE A 305 1.64 12.81 -25.53
C ILE A 305 0.55 13.30 -26.49
N GLY A 306 0.81 14.42 -27.16
CA GLY A 306 -0.17 14.94 -28.10
C GLY A 306 -0.53 13.89 -29.14
N LEU A 307 0.50 13.22 -29.64
CA LEU A 307 0.36 12.16 -30.64
C LEU A 307 -0.54 11.04 -30.13
N PHE A 308 -0.18 10.46 -28.99
CA PHE A 308 -0.98 9.36 -28.43
C PHE A 308 -2.44 9.79 -28.28
N ALA A 309 -2.64 10.98 -27.75
CA ALA A 309 -3.98 11.52 -27.52
C ALA A 309 -4.84 11.53 -28.78
N ARG A 310 -4.33 12.13 -29.85
CA ARG A 310 -5.10 12.21 -31.09
C ARG A 310 -5.33 10.89 -31.81
N THR A 311 -4.44 9.93 -31.59
CA THR A 311 -4.58 8.63 -32.23
C THR A 311 -5.25 7.59 -31.33
N GLY A 312 -5.47 7.96 -30.07
CA GLY A 312 -6.11 7.05 -29.14
C GLY A 312 -5.17 5.97 -28.63
N THR A 313 -3.87 6.22 -28.78
CA THR A 313 -2.85 5.27 -28.34
C THR A 313 -2.86 5.27 -26.81
N GLY A 314 -2.88 4.08 -26.24
CA GLY A 314 -2.93 3.95 -24.80
C GLY A 314 -1.62 3.79 -24.06
N VAL A 315 -1.69 4.03 -22.76
CA VAL A 315 -0.53 3.92 -21.90
C VAL A 315 -0.89 3.16 -20.62
N ALA A 316 -0.04 2.22 -20.24
CA ALA A 316 -0.24 1.44 -19.01
C ALA A 316 0.65 2.04 -17.92
N HIS A 317 0.04 2.76 -16.98
CA HIS A 317 0.79 3.38 -15.90
C HIS A 317 1.03 2.38 -14.79
N CYS A 318 2.29 2.25 -14.37
CA CYS A 318 2.69 1.34 -13.31
C CYS A 318 3.44 2.13 -12.25
N PRO A 319 2.71 2.81 -11.36
CA PRO A 319 3.38 3.60 -10.32
C PRO A 319 4.37 2.87 -9.42
N CYS A 320 3.93 1.80 -8.74
CA CYS A 320 4.80 1.05 -7.84
C CYS A 320 6.11 0.65 -8.53
N SER A 321 6.01 0.01 -9.68
CA SER A 321 7.19 -0.41 -10.42
C SER A 321 8.08 0.80 -10.71
N ASN A 322 7.46 1.87 -11.21
CA ASN A 322 8.18 3.09 -11.54
C ASN A 322 8.94 3.63 -10.34
N MET A 323 8.47 3.31 -9.13
CA MET A 323 9.11 3.76 -7.89
C MET A 323 10.20 2.80 -7.40
N ARG A 324 9.84 1.53 -7.28
CA ARG A 324 10.76 0.51 -6.78
C ARG A 324 12.00 0.37 -7.66
N LEU A 325 11.82 0.64 -8.95
CA LEU A 325 12.91 0.55 -9.90
C LEU A 325 13.41 1.96 -10.19
N ALA A 326 12.77 2.94 -9.53
CA ALA A 326 13.13 4.34 -9.65
C ALA A 326 13.12 4.94 -11.05
N SER A 327 12.25 4.47 -11.93
CA SER A 327 12.17 5.03 -13.27
C SER A 327 11.74 6.47 -13.21
N GLY A 328 10.93 6.81 -12.21
CA GLY A 328 10.46 8.18 -12.10
C GLY A 328 8.97 8.33 -12.12
N ILE A 329 8.51 9.58 -12.11
CA ILE A 329 7.10 9.89 -12.10
C ILE A 329 6.55 10.22 -13.49
N ALA A 330 5.66 9.38 -13.98
CA ALA A 330 5.06 9.61 -15.29
C ALA A 330 4.06 10.75 -15.15
N PRO A 331 3.99 11.65 -16.15
CA PRO A 331 3.07 12.80 -16.15
C PRO A 331 1.64 12.41 -16.50
N VAL A 332 1.01 11.65 -15.62
CA VAL A 332 -0.34 11.19 -15.86
C VAL A 332 -1.35 12.34 -15.79
N LYS A 333 -1.12 13.29 -14.90
CA LYS A 333 -2.04 14.42 -14.79
C LYS A 333 -2.06 15.12 -16.15
N LYS A 334 -0.88 15.31 -16.73
CA LYS A 334 -0.73 15.95 -18.03
C LYS A 334 -1.31 15.09 -19.15
N MET A 335 -1.03 13.79 -19.10
CA MET A 335 -1.52 12.87 -20.13
C MET A 335 -3.04 12.92 -20.23
N ARG A 336 -3.72 12.85 -19.09
CA ARG A 336 -5.17 12.87 -19.08
C ARG A 336 -5.71 14.21 -19.56
N LEU A 337 -5.08 15.30 -19.13
CA LEU A 337 -5.51 16.63 -19.56
C LEU A 337 -5.39 16.71 -21.08
N ALA A 338 -4.37 16.04 -21.61
CA ALA A 338 -4.13 16.02 -23.05
C ALA A 338 -5.09 15.05 -23.73
N GLY A 339 -5.77 14.23 -22.95
CA GLY A 339 -6.72 13.30 -23.51
C GLY A 339 -6.22 11.92 -23.90
N VAL A 340 -5.05 11.52 -23.42
CA VAL A 340 -4.57 10.20 -23.75
C VAL A 340 -5.21 9.16 -22.83
N PRO A 341 -5.70 8.05 -23.42
CA PRO A 341 -6.32 7.00 -22.60
C PRO A 341 -5.25 6.31 -21.74
N VAL A 342 -5.45 6.35 -20.42
CA VAL A 342 -4.53 5.77 -19.48
C VAL A 342 -5.16 4.63 -18.67
N GLY A 343 -4.41 3.56 -18.48
CA GLY A 343 -4.86 2.42 -17.70
C GLY A 343 -3.83 2.15 -16.63
N LEU A 344 -4.14 1.20 -15.73
CA LEU A 344 -3.22 0.86 -14.66
C LEU A 344 -2.58 -0.51 -14.85
N GLY A 345 -1.34 -0.64 -14.37
CA GLY A 345 -0.64 -1.90 -14.47
C GLY A 345 0.18 -2.14 -13.22
N VAL A 346 0.13 -3.37 -12.71
CA VAL A 346 0.89 -3.70 -11.51
C VAL A 346 2.33 -3.99 -11.96
N ASP A 347 2.48 -4.42 -13.21
CA ASP A 347 3.77 -4.79 -13.80
C ASP A 347 4.25 -6.11 -13.21
N GLY A 348 5.41 -6.57 -13.68
CA GLY A 348 6.00 -7.82 -13.21
C GLY A 348 6.30 -7.85 -11.73
N SER A 349 6.07 -8.99 -11.11
CA SER A 349 6.29 -9.12 -9.67
C SER A 349 7.74 -9.05 -9.19
N ALA A 350 8.68 -8.99 -10.12
CA ALA A 350 10.09 -8.86 -9.74
C ALA A 350 10.37 -7.36 -9.59
N SER A 351 9.43 -6.54 -10.05
CA SER A 351 9.59 -5.10 -9.93
C SER A 351 8.33 -4.43 -9.40
N ASN A 352 7.97 -4.73 -8.15
CA ASN A 352 6.82 -4.10 -7.51
C ASN A 352 6.91 -4.19 -5.99
N ASP A 353 6.95 -5.40 -5.41
CA ASP A 353 6.88 -6.68 -6.10
C ASP A 353 5.49 -7.29 -5.83
N GLY A 354 4.57 -6.47 -5.33
CA GLY A 354 3.24 -6.97 -5.03
C GLY A 354 2.28 -6.92 -6.21
N ALA A 355 1.05 -7.37 -5.98
CA ALA A 355 0.02 -7.35 -7.02
C ALA A 355 -1.35 -7.10 -6.39
N GLN A 356 -1.41 -6.11 -5.52
CA GLN A 356 -2.65 -5.73 -4.85
C GLN A 356 -3.15 -4.58 -5.74
N MET A 357 -4.19 -4.85 -6.54
CA MET A 357 -4.69 -3.85 -7.47
C MET A 357 -5.23 -2.55 -6.85
N VAL A 358 -5.89 -2.63 -5.68
CA VAL A 358 -6.39 -1.39 -5.08
C VAL A 358 -5.22 -0.54 -4.63
N ALA A 359 -4.16 -1.19 -4.15
CA ALA A 359 -2.96 -0.47 -3.73
C ALA A 359 -2.32 0.25 -4.91
N GLU A 360 -2.39 -0.32 -6.11
CA GLU A 360 -1.82 0.36 -7.29
C GLU A 360 -2.65 1.61 -7.56
N VAL A 361 -3.98 1.48 -7.49
CA VAL A 361 -4.88 2.60 -7.71
C VAL A 361 -4.52 3.69 -6.72
N ARG A 362 -4.24 3.29 -5.48
CA ARG A 362 -3.87 4.23 -4.45
C ARG A 362 -2.50 4.85 -4.76
N GLN A 363 -1.54 4.01 -5.17
CA GLN A 363 -0.21 4.50 -5.47
C GLN A 363 -0.22 5.53 -6.59
N ALA A 364 -1.04 5.29 -7.60
CA ALA A 364 -1.14 6.25 -8.71
C ALA A 364 -1.61 7.60 -8.20
N LEU A 365 -2.62 7.62 -7.33
CA LEU A 365 -3.11 8.88 -6.79
C LEU A 365 -2.05 9.57 -5.93
N LEU A 366 -1.39 8.80 -5.07
CA LEU A 366 -0.36 9.35 -4.21
C LEU A 366 0.84 9.86 -4.99
N LEU A 367 1.23 9.11 -6.02
CA LEU A 367 2.39 9.50 -6.83
C LEU A 367 2.14 10.81 -7.57
N GLN A 368 1.03 10.89 -8.30
CA GLN A 368 0.73 12.11 -9.04
C GLN A 368 0.68 13.32 -8.12
N ARG A 369 0.13 13.13 -6.93
CA ARG A 369 0.04 14.25 -5.99
C ARG A 369 1.37 14.73 -5.43
N VAL A 370 2.31 13.82 -5.17
CA VAL A 370 3.59 14.26 -4.61
C VAL A 370 4.41 14.98 -5.67
N GLY A 371 4.19 14.64 -6.93
CA GLY A 371 4.95 15.28 -7.98
C GLY A 371 4.25 16.46 -8.63
N PHE A 372 2.95 16.63 -8.38
CA PHE A 372 2.23 17.71 -9.04
C PHE A 372 1.22 18.50 -8.22
N GLY A 373 0.92 18.08 -7.01
CA GLY A 373 -0.05 18.80 -6.21
C GLY A 373 -1.30 18.02 -5.82
N PRO A 374 -2.00 18.47 -4.77
CA PRO A 374 -3.22 17.84 -4.24
C PRO A 374 -4.40 17.69 -5.21
N ASP A 375 -4.40 18.46 -6.31
CA ASP A 375 -5.49 18.36 -7.28
C ASP A 375 -5.04 17.58 -8.53
N ALA A 376 -3.90 16.93 -8.45
CA ALA A 376 -3.37 16.19 -9.58
C ALA A 376 -4.23 14.99 -9.98
N MET A 377 -4.96 14.41 -9.02
CA MET A 377 -5.80 13.25 -9.31
C MET A 377 -6.73 12.99 -8.13
N THR A 378 -8.02 12.84 -8.43
CA THR A 378 -9.01 12.56 -7.42
C THR A 378 -9.19 11.04 -7.30
N ALA A 379 -9.83 10.60 -6.23
CA ALA A 379 -10.05 9.18 -6.02
C ALA A 379 -10.87 8.58 -7.17
N ARG A 380 -11.92 9.29 -7.58
CA ARG A 380 -12.77 8.81 -8.65
C ARG A 380 -12.03 8.77 -9.99
N GLU A 381 -11.05 9.65 -10.12
CA GLU A 381 -10.26 9.70 -11.35
C GLU A 381 -9.37 8.47 -11.40
N ALA A 382 -8.74 8.14 -10.28
CA ALA A 382 -7.86 6.97 -10.21
C ALA A 382 -8.68 5.70 -10.50
N LEU A 383 -9.85 5.61 -9.88
CA LEU A 383 -10.70 4.45 -10.06
C LEU A 383 -11.20 4.34 -11.51
N GLU A 384 -11.36 5.48 -12.17
CA GLU A 384 -11.83 5.44 -13.55
C GLU A 384 -10.74 4.86 -14.45
N ILE A 385 -9.50 5.26 -14.21
CA ILE A 385 -8.35 4.78 -14.97
C ILE A 385 -8.20 3.27 -14.76
N ALA A 386 -8.47 2.82 -13.54
CA ALA A 386 -8.38 1.40 -13.20
C ALA A 386 -9.54 0.58 -13.78
N THR A 387 -10.55 1.26 -14.29
CA THR A 387 -11.71 0.58 -14.88
C THR A 387 -11.92 0.93 -16.35
N LEU A 388 -12.57 2.06 -16.63
CA LEU A 388 -12.84 2.47 -18.00
C LEU A 388 -11.54 2.70 -18.80
N GLY A 389 -10.51 3.20 -18.13
CA GLY A 389 -9.24 3.44 -18.79
C GLY A 389 -8.58 2.15 -19.25
N GLY A 390 -8.58 1.14 -18.37
CA GLY A 390 -7.98 -0.13 -18.70
C GLY A 390 -8.69 -0.75 -19.89
N ALA A 391 -10.01 -0.63 -19.90
CA ALA A 391 -10.82 -1.16 -20.99
C ALA A 391 -10.43 -0.45 -22.30
N LYS A 392 -10.47 0.88 -22.29
CA LYS A 392 -10.13 1.65 -23.47
C LYS A 392 -8.77 1.19 -24.01
N VAL A 393 -7.80 1.12 -23.14
CA VAL A 393 -6.45 0.70 -23.47
C VAL A 393 -6.36 -0.69 -24.08
N LEU A 394 -7.22 -1.60 -23.64
CA LEU A 394 -7.26 -2.96 -24.16
C LEU A 394 -8.16 -3.03 -25.38
N ASN A 395 -8.76 -1.88 -25.71
CA ASN A 395 -9.66 -1.77 -26.85
C ASN A 395 -10.90 -2.63 -26.69
N ARG A 396 -11.55 -2.53 -25.53
CA ARG A 396 -12.77 -3.27 -25.24
C ARG A 396 -13.80 -2.32 -24.69
N ASP A 397 -15.07 -2.51 -25.05
CA ASP A 397 -16.13 -1.65 -24.54
C ASP A 397 -17.16 -2.50 -23.81
N ASP A 398 -16.79 -3.74 -23.50
CA ASP A 398 -17.70 -4.64 -22.82
C ASP A 398 -17.36 -4.89 -21.35
N ILE A 399 -16.47 -4.07 -20.79
CA ILE A 399 -16.05 -4.18 -19.39
C ILE A 399 -15.76 -2.79 -18.85
N GLY A 400 -15.48 -2.69 -17.55
CA GLY A 400 -15.15 -1.42 -16.95
C GLY A 400 -16.33 -0.62 -16.43
N ALA A 401 -17.54 -1.11 -16.68
CA ALA A 401 -18.72 -0.41 -16.21
C ALA A 401 -19.85 -1.36 -15.90
N LEU A 402 -20.66 -0.98 -14.91
CA LEU A 402 -21.80 -1.75 -14.50
C LEU A 402 -23.06 -1.15 -15.12
N LYS A 403 -23.47 -1.74 -16.22
CA LYS A 403 -24.68 -1.32 -16.92
C LYS A 403 -25.10 -2.41 -17.88
N PRO A 404 -26.36 -2.35 -18.35
CA PRO A 404 -26.87 -3.36 -19.28
C PRO A 404 -25.95 -3.54 -20.49
N GLY A 405 -25.81 -4.78 -20.96
CA GLY A 405 -24.98 -5.06 -22.12
C GLY A 405 -23.50 -5.17 -21.84
N MET A 406 -23.09 -5.08 -20.58
CA MET A 406 -21.67 -5.18 -20.24
C MET A 406 -21.38 -6.55 -19.62
N ALA A 407 -20.10 -6.90 -19.50
CA ALA A 407 -19.68 -8.16 -18.91
C ALA A 407 -19.95 -8.16 -17.41
N ALA A 408 -20.42 -9.29 -16.90
CA ALA A 408 -20.72 -9.44 -15.48
C ALA A 408 -19.48 -9.56 -14.60
N ASP A 409 -18.70 -8.49 -14.51
CA ASP A 409 -17.51 -8.48 -13.67
C ASP A 409 -17.60 -7.35 -12.66
N PHE A 410 -17.32 -7.67 -11.40
CA PHE A 410 -17.37 -6.65 -10.35
C PHE A 410 -16.65 -7.12 -9.09
N ALA A 411 -16.34 -6.16 -8.24
CA ALA A 411 -15.65 -6.42 -6.98
C ALA A 411 -16.48 -5.84 -5.84
N ALA A 412 -16.43 -6.51 -4.69
CA ALA A 412 -17.18 -6.08 -3.52
C ALA A 412 -16.24 -5.99 -2.33
N PHE A 413 -16.30 -4.86 -1.62
CA PHE A 413 -15.47 -4.63 -0.45
C PHE A 413 -16.34 -4.42 0.79
N ASP A 414 -15.93 -5.05 1.89
CA ASP A 414 -16.65 -4.97 3.14
C ASP A 414 -16.33 -3.67 3.89
N LEU A 415 -17.28 -2.74 3.86
CA LEU A 415 -17.11 -1.44 4.51
C LEU A 415 -17.10 -1.47 6.04
N ARG A 416 -17.21 -2.65 6.62
CA ARG A 416 -17.24 -2.79 8.07
C ARG A 416 -15.87 -3.04 8.68
N GLN A 417 -14.85 -3.21 7.82
CA GLN A 417 -13.49 -3.44 8.31
C GLN A 417 -12.99 -2.18 9.02
N PRO A 418 -12.11 -2.35 10.01
CA PRO A 418 -11.59 -1.21 10.76
C PRO A 418 -10.92 -0.16 9.84
N LEU A 419 -10.28 -0.64 8.77
CA LEU A 419 -9.57 0.24 7.85
C LEU A 419 -10.49 1.28 7.21
N PHE A 420 -11.77 0.95 7.08
CA PHE A 420 -12.74 1.90 6.52
C PHE A 420 -13.42 2.74 7.60
N ALA A 421 -13.12 2.45 8.86
CA ALA A 421 -13.74 3.17 9.97
C ALA A 421 -13.45 4.67 9.95
N GLY A 422 -14.51 5.46 9.90
CA GLY A 422 -14.38 6.91 9.87
C GLY A 422 -14.20 7.46 8.46
N ALA A 423 -14.42 6.63 7.45
CA ALA A 423 -14.25 7.08 6.06
C ALA A 423 -15.53 6.87 5.25
N LEU A 424 -16.63 6.59 5.93
CA LEU A 424 -17.88 6.37 5.24
C LEU A 424 -18.56 7.66 4.81
N HIS A 425 -17.86 8.78 4.94
CA HIS A 425 -18.41 10.05 4.50
C HIS A 425 -18.39 9.99 2.95
N ASP A 426 -17.54 9.13 2.42
CA ASP A 426 -17.43 8.94 0.97
C ASP A 426 -16.80 7.57 0.75
N PRO A 427 -17.62 6.50 0.76
CA PRO A 427 -17.18 5.12 0.58
C PRO A 427 -16.41 4.88 -0.70
N VAL A 428 -16.79 5.59 -1.76
CA VAL A 428 -16.11 5.45 -3.04
C VAL A 428 -14.67 5.96 -2.91
N ALA A 429 -14.52 7.16 -2.37
CA ALA A 429 -13.19 7.75 -2.19
C ALA A 429 -12.38 6.92 -1.20
N ALA A 430 -13.05 6.44 -0.15
CA ALA A 430 -12.41 5.64 0.89
C ALA A 430 -11.60 4.45 0.35
N LEU A 431 -12.10 3.80 -0.68
CA LEU A 431 -11.40 2.66 -1.28
C LEU A 431 -9.97 3.05 -1.68
N VAL A 432 -9.78 4.31 -2.04
CA VAL A 432 -8.47 4.80 -2.48
C VAL A 432 -7.69 5.50 -1.35
N PHE A 433 -8.38 6.28 -0.53
CA PHE A 433 -7.70 7.00 0.56
C PHE A 433 -7.33 6.16 1.78
N CYS A 434 -8.02 5.05 1.99
CA CYS A 434 -7.73 4.18 3.13
C CYS A 434 -6.70 3.13 2.73
N ALA A 435 -6.22 2.36 3.70
CA ALA A 435 -5.25 1.29 3.41
C ALA A 435 -5.90 0.35 2.39
N PRO A 436 -5.10 -0.25 1.50
CA PRO A 436 -5.64 -1.15 0.47
C PRO A 436 -6.38 -2.40 0.98
N SER A 437 -7.62 -2.54 0.54
CA SER A 437 -8.45 -3.65 0.99
C SER A 437 -8.53 -4.85 0.03
N GLN A 438 -8.71 -6.03 0.60
CA GLN A 438 -8.88 -7.26 -0.16
C GLN A 438 -10.39 -7.26 -0.43
N THR A 439 -10.84 -7.93 -1.49
CA THR A 439 -12.28 -7.97 -1.76
C THR A 439 -12.94 -9.07 -0.94
N ALA A 440 -14.23 -8.91 -0.71
CA ALA A 440 -15.01 -9.91 0.01
C ALA A 440 -15.44 -10.87 -1.11
N TYR A 441 -15.82 -10.30 -2.24
CA TYR A 441 -16.26 -11.08 -3.39
C TYR A 441 -15.69 -10.51 -4.67
N THR A 442 -15.41 -11.40 -5.60
CA THR A 442 -14.91 -11.01 -6.89
C THR A 442 -15.71 -11.84 -7.86
N VAL A 443 -16.42 -11.17 -8.77
CA VAL A 443 -17.21 -11.87 -9.76
C VAL A 443 -16.68 -11.62 -11.16
N VAL A 444 -16.53 -12.70 -11.93
CA VAL A 444 -16.03 -12.62 -13.29
C VAL A 444 -16.88 -13.45 -14.25
N ASN A 445 -17.39 -12.80 -15.30
CA ASN A 445 -18.20 -13.47 -16.30
C ASN A 445 -19.46 -14.09 -15.65
N GLY A 446 -19.94 -13.46 -14.59
CA GLY A 446 -21.12 -13.96 -13.91
C GLY A 446 -20.87 -15.06 -12.90
N LYS A 447 -19.63 -15.50 -12.78
CA LYS A 447 -19.28 -16.56 -11.84
C LYS A 447 -18.53 -16.00 -10.61
N VAL A 448 -18.82 -16.55 -9.44
CA VAL A 448 -18.13 -16.11 -8.23
C VAL A 448 -16.75 -16.78 -8.21
N VAL A 449 -15.71 -15.95 -8.33
CA VAL A 449 -14.34 -16.43 -8.33
C VAL A 449 -13.69 -16.31 -6.96
N VAL A 450 -14.06 -15.26 -6.22
CA VAL A 450 -13.56 -15.06 -4.86
C VAL A 450 -14.82 -14.93 -3.99
N ARG A 451 -14.92 -15.77 -2.98
CA ARG A 451 -16.07 -15.78 -2.09
C ARG A 451 -15.57 -15.58 -0.66
N GLU A 452 -15.97 -14.49 -0.05
CA GLU A 452 -15.56 -14.15 1.30
C GLU A 452 -14.04 -14.17 1.44
N GLY A 453 -13.36 -13.59 0.45
CA GLY A 453 -11.91 -13.53 0.48
C GLY A 453 -11.17 -14.77 0.01
N ARG A 454 -11.89 -15.86 -0.24
CA ARG A 454 -11.24 -17.10 -0.69
C ARG A 454 -11.46 -17.40 -2.16
N LEU A 455 -10.44 -18.01 -2.78
CA LEU A 455 -10.52 -18.38 -4.19
C LEU A 455 -11.47 -19.55 -4.25
N ALA A 456 -12.54 -19.38 -5.02
CA ALA A 456 -13.60 -20.37 -5.14
C ALA A 456 -13.57 -21.26 -6.36
N THR A 457 -12.72 -20.94 -7.33
CA THR A 457 -12.64 -21.72 -8.56
C THR A 457 -11.61 -22.83 -8.47
N LEU A 458 -10.87 -22.85 -7.37
CA LEU A 458 -9.84 -23.86 -7.17
C LEU A 458 -9.28 -23.78 -5.75
N ASP A 459 -8.68 -24.87 -5.31
CA ASP A 459 -8.08 -24.97 -3.99
C ASP A 459 -6.69 -24.32 -4.08
N LEU A 460 -6.60 -23.07 -3.60
CA LEU A 460 -5.38 -22.27 -3.68
C LEU A 460 -4.13 -22.62 -2.87
N PRO A 461 -4.29 -23.08 -1.61
CA PRO A 461 -3.13 -23.43 -0.81
C PRO A 461 -2.15 -24.41 -1.44
N PRO A 462 -2.65 -25.52 -2.01
CA PRO A 462 -1.65 -26.41 -2.59
C PRO A 462 -0.94 -25.77 -3.79
N VAL A 463 -1.62 -24.85 -4.47
CA VAL A 463 -1.03 -24.17 -5.60
C VAL A 463 0.13 -23.31 -5.13
N ILE A 464 -0.08 -22.49 -4.10
CA ILE A 464 1.01 -21.65 -3.61
C ILE A 464 2.13 -22.45 -2.93
N GLU A 465 1.79 -23.59 -2.35
CA GLU A 465 2.83 -24.41 -1.72
C GLU A 465 3.76 -24.88 -2.83
N ARG A 466 3.17 -25.33 -3.93
CA ARG A 466 3.92 -25.79 -5.09
C ARG A 466 4.70 -24.61 -5.71
N HIS A 467 4.08 -23.43 -5.71
CA HIS A 467 4.69 -22.21 -6.25
C HIS A 467 6.00 -21.92 -5.53
N ASN A 468 5.96 -21.94 -4.21
CA ASN A 468 7.16 -21.67 -3.43
C ASN A 468 8.19 -22.77 -3.62
N ALA A 469 7.72 -24.00 -3.77
CA ALA A 469 8.62 -25.13 -3.98
C ALA A 469 9.32 -24.99 -5.32
N LEU A 470 8.59 -24.51 -6.33
CA LEU A 470 9.19 -24.34 -7.64
C LEU A 470 10.10 -23.12 -7.64
N ALA A 471 9.68 -22.06 -6.95
CA ALA A 471 10.48 -20.85 -6.86
C ALA A 471 11.84 -21.19 -6.24
N HIS A 472 11.83 -22.05 -5.22
CA HIS A 472 13.08 -22.42 -4.56
C HIS A 472 13.96 -23.24 -5.49
N ALA A 473 13.38 -24.21 -6.16
CA ALA A 473 14.12 -25.06 -7.08
C ALA A 473 14.71 -24.23 -8.23
N LEU A 474 13.97 -23.23 -8.66
CA LEU A 474 14.39 -22.34 -9.74
C LEU A 474 15.66 -21.60 -9.35
N VAL A 475 15.62 -20.86 -8.25
CA VAL A 475 16.78 -20.12 -7.82
C VAL A 475 17.93 -21.04 -7.52
N GLU A 476 17.61 -22.25 -7.05
CA GLU A 476 18.61 -23.25 -6.73
C GLU A 476 19.36 -23.66 -8.01
N ALA A 477 18.61 -23.88 -9.07
CA ALA A 477 19.21 -24.27 -10.34
C ALA A 477 20.24 -23.22 -10.80
N ALA A 478 19.83 -21.95 -10.74
CA ALA A 478 20.69 -20.85 -11.15
C ALA A 478 21.97 -20.75 -10.33
N ARG A 479 21.84 -20.75 -9.01
CA ARG A 479 23.00 -20.66 -8.14
C ARG A 479 23.80 -21.95 -8.11
N LYS B 29 4.33 -15.40 34.84
CA LYS B 29 3.66 -15.87 33.60
C LYS B 29 4.63 -15.82 32.42
N THR B 30 4.88 -16.99 31.84
CA THR B 30 5.81 -17.10 30.72
C THR B 30 5.15 -17.31 29.36
N LEU B 31 5.85 -16.87 28.32
CA LEU B 31 5.38 -17.01 26.95
C LEU B 31 6.53 -17.54 26.10
N LEU B 32 6.25 -18.58 25.32
CA LEU B 32 7.27 -19.19 24.47
C LEU B 32 6.87 -19.24 23.00
N VAL B 33 7.70 -18.62 22.17
CA VAL B 33 7.48 -18.63 20.74
C VAL B 33 8.54 -19.57 20.22
N LYS B 34 8.15 -20.53 19.38
CA LYS B 34 9.10 -21.48 18.84
C LYS B 34 8.88 -21.76 17.36
N HIS B 35 9.95 -22.17 16.69
CA HIS B 35 9.92 -22.54 15.28
C HIS B 35 9.55 -21.45 14.26
N ALA B 36 9.89 -20.20 14.55
CA ALA B 36 9.62 -19.15 13.57
C ALA B 36 10.55 -19.46 12.41
N ASP B 37 10.06 -19.36 11.17
CA ASP B 37 10.90 -19.64 10.00
C ASP B 37 12.08 -18.70 10.00
N VAL B 38 11.83 -17.43 10.27
CA VAL B 38 12.88 -16.44 10.33
C VAL B 38 12.50 -15.45 11.41
N LEU B 39 13.47 -15.11 12.25
CA LEU B 39 13.26 -14.17 13.33
C LEU B 39 14.29 -13.06 13.24
N VAL B 40 13.85 -11.80 13.15
CA VAL B 40 14.79 -10.71 13.05
C VAL B 40 14.93 -10.01 14.41
N THR B 41 16.17 -9.91 14.87
CA THR B 41 16.43 -9.34 16.17
C THR B 41 16.67 -7.85 16.18
N MET B 42 17.35 -7.35 15.14
CA MET B 42 17.70 -5.95 15.07
C MET B 42 18.65 -5.69 16.24
N ASP B 43 19.41 -6.71 16.63
CA ASP B 43 20.35 -6.58 17.73
C ASP B 43 21.68 -6.02 17.23
N ASP B 44 22.72 -6.15 18.05
CA ASP B 44 24.06 -5.65 17.73
C ASP B 44 24.63 -6.02 16.38
N THR B 45 24.52 -7.29 16.00
CA THR B 45 25.04 -7.73 14.72
C THR B 45 23.92 -7.98 13.70
N ARG B 46 22.73 -7.47 14.01
CA ARG B 46 21.55 -7.62 13.15
C ARG B 46 21.25 -9.10 12.86
N ARG B 47 21.43 -9.95 13.86
CA ARG B 47 21.16 -11.37 13.67
C ARG B 47 19.76 -11.61 13.12
N GLU B 48 19.65 -12.62 12.26
CA GLU B 48 18.41 -13.03 11.66
C GLU B 48 18.47 -14.56 11.77
N LEU B 49 17.70 -15.09 12.71
CA LEU B 49 17.67 -16.52 12.99
C LEU B 49 16.56 -17.29 12.29
N ARG B 50 16.83 -18.57 12.03
CA ARG B 50 15.87 -19.47 11.39
C ARG B 50 15.50 -20.56 12.40
N ASP B 51 14.27 -21.05 12.32
CA ASP B 51 13.77 -22.09 13.23
C ASP B 51 14.06 -21.67 14.66
N ALA B 52 13.61 -20.48 15.02
CA ALA B 52 13.89 -19.94 16.34
C ALA B 52 12.71 -19.32 17.05
N GLY B 53 12.95 -18.90 18.28
CA GLY B 53 11.90 -18.28 19.07
C GLY B 53 12.42 -17.36 20.16
N LEU B 54 11.52 -17.04 21.08
CA LEU B 54 11.86 -16.17 22.20
C LEU B 54 11.29 -16.80 23.48
N TYR B 55 11.95 -16.54 24.60
CA TYR B 55 11.46 -17.02 25.88
C TYR B 55 11.15 -15.77 26.68
N ILE B 56 9.93 -15.67 27.17
CA ILE B 56 9.51 -14.48 27.91
C ILE B 56 8.93 -14.72 29.30
N GLU B 57 9.30 -13.83 30.22
CA GLU B 57 8.79 -13.88 31.59
C GLU B 57 8.04 -12.56 31.78
N ASP B 58 6.72 -12.62 31.84
CA ASP B 58 5.89 -11.44 31.98
C ASP B 58 5.98 -10.48 30.79
N ASN B 59 6.63 -9.35 30.98
CA ASN B 59 6.75 -8.36 29.91
C ASN B 59 8.16 -8.19 29.36
N ARG B 60 9.06 -9.09 29.72
CA ARG B 60 10.43 -8.97 29.23
C ARG B 60 10.99 -10.22 28.57
N ILE B 61 11.83 -9.99 27.56
CA ILE B 61 12.48 -11.06 26.83
C ILE B 61 13.70 -11.51 27.63
N VAL B 62 13.83 -12.82 27.86
CA VAL B 62 14.96 -13.31 28.62
C VAL B 62 15.91 -14.13 27.75
N ALA B 63 15.40 -14.67 26.66
CA ALA B 63 16.23 -15.48 25.76
C ALA B 63 15.78 -15.45 24.31
N VAL B 64 16.73 -15.22 23.41
CA VAL B 64 16.45 -15.19 21.99
C VAL B 64 17.43 -16.08 21.24
N GLY B 65 16.92 -17.02 20.45
CA GLY B 65 17.81 -17.89 19.71
C GLY B 65 17.14 -19.08 19.09
N PRO B 66 17.92 -20.04 18.57
CA PRO B 66 17.35 -21.25 17.95
C PRO B 66 16.39 -21.90 18.94
N SER B 67 15.29 -22.44 18.44
CA SER B 67 14.32 -23.07 19.33
C SER B 67 14.94 -24.21 20.12
N ALA B 68 15.83 -24.95 19.46
CA ALA B 68 16.50 -26.08 20.08
C ALA B 68 17.22 -25.74 21.39
N GLU B 69 17.67 -24.50 21.54
CA GLU B 69 18.37 -24.12 22.76
C GLU B 69 17.60 -23.20 23.68
N LEU B 70 16.26 -23.26 23.59
CA LEU B 70 15.42 -22.45 24.45
C LEU B 70 14.48 -23.41 25.18
N PRO B 71 13.81 -22.92 26.24
CA PRO B 71 12.88 -23.77 27.00
C PRO B 71 11.89 -24.44 26.06
N GLU B 72 11.54 -25.68 26.37
CA GLU B 72 10.63 -26.44 25.53
C GLU B 72 9.15 -26.20 25.79
N THR B 73 8.82 -25.50 26.87
CA THR B 73 7.41 -25.22 27.19
C THR B 73 7.27 -23.93 27.98
N ALA B 74 6.02 -23.58 28.28
CA ALA B 74 5.72 -22.36 29.04
C ALA B 74 4.22 -22.27 29.30
N ASP B 75 3.81 -21.29 30.09
CA ASP B 75 2.38 -21.12 30.38
C ASP B 75 1.62 -20.92 29.08
N GLU B 76 2.18 -20.11 28.18
CA GLU B 76 1.55 -19.87 26.90
C GLU B 76 2.61 -20.04 25.82
N VAL B 77 2.36 -20.92 24.87
CA VAL B 77 3.33 -21.15 23.82
C VAL B 77 2.77 -20.85 22.43
N LEU B 78 3.58 -20.18 21.61
CA LEU B 78 3.20 -19.85 20.24
C LEU B 78 4.11 -20.58 19.26
N ASP B 79 3.60 -21.61 18.63
CA ASP B 79 4.40 -22.34 17.66
C ASP B 79 4.20 -21.60 16.36
N LEU B 80 5.18 -20.75 16.01
CA LEU B 80 5.07 -19.94 14.81
C LEU B 80 5.76 -20.41 13.53
N ARG B 81 5.82 -21.73 13.33
CA ARG B 81 6.42 -22.27 12.13
C ARG B 81 5.64 -21.68 10.95
N GLY B 82 6.33 -21.40 9.85
CA GLY B 82 5.67 -20.82 8.69
C GLY B 82 5.49 -19.32 8.79
N HIS B 83 6.03 -18.72 9.87
CA HIS B 83 5.90 -17.28 10.10
C HIS B 83 7.22 -16.54 10.19
N LEU B 84 7.16 -15.25 9.94
CA LEU B 84 8.31 -14.35 10.05
C LEU B 84 8.02 -13.52 11.30
N VAL B 85 8.96 -13.47 12.24
CA VAL B 85 8.71 -12.68 13.44
C VAL B 85 9.69 -11.53 13.48
N ILE B 86 9.17 -10.35 13.82
CA ILE B 86 9.99 -9.15 13.83
C ILE B 86 9.72 -8.30 15.07
N PRO B 87 10.65 -7.39 15.39
CA PRO B 87 10.43 -6.54 16.56
C PRO B 87 9.16 -5.74 16.27
N GLY B 88 8.38 -5.44 17.30
CA GLY B 88 7.18 -4.67 17.10
C GLY B 88 7.51 -3.35 16.42
N LEU B 89 6.67 -2.94 15.49
CA LEU B 89 6.88 -1.69 14.77
C LEU B 89 6.53 -0.49 15.66
N VAL B 90 7.26 0.60 15.50
CA VAL B 90 7.03 1.79 16.32
C VAL B 90 6.57 3.00 15.49
N ASN B 91 5.36 3.50 15.77
CA ASN B 91 4.83 4.64 15.04
C ASN B 91 5.13 5.91 15.83
N THR B 92 5.76 6.90 15.19
CA THR B 92 6.15 8.12 15.90
C THR B 92 5.39 9.43 15.64
N HIS B 93 4.35 9.41 14.82
CA HIS B 93 3.54 10.62 14.62
C HIS B 93 2.13 10.21 14.25
N HIS B 94 1.15 10.84 14.89
CA HIS B 94 -0.23 10.48 14.62
C HIS B 94 -1.19 11.53 15.14
N HIS B 95 -2.41 11.47 14.62
CA HIS B 95 -3.52 12.34 15.03
C HIS B 95 -4.68 11.34 15.01
N MET B 96 -4.73 10.48 16.02
CA MET B 96 -5.75 9.43 16.09
C MET B 96 -7.19 9.89 15.98
N TYR B 97 -7.52 11.05 16.56
CA TYR B 97 -8.89 11.53 16.50
C TYR B 97 -9.34 11.71 15.06
N GLN B 98 -8.38 11.88 14.16
CA GLN B 98 -8.67 12.05 12.74
C GLN B 98 -9.26 10.80 12.09
N SER B 99 -9.25 9.68 12.81
CA SER B 99 -9.82 8.42 12.30
C SER B 99 -11.31 8.61 12.07
N LEU B 100 -11.86 9.65 12.67
CA LEU B 100 -13.29 9.94 12.54
C LEU B 100 -13.63 10.76 11.30
N THR B 101 -12.61 11.35 10.68
CA THR B 101 -12.84 12.19 9.50
C THR B 101 -11.91 11.84 8.34
N ARG B 102 -12.14 10.65 7.77
CA ARG B 102 -11.33 10.18 6.67
C ARG B 102 -12.08 10.40 5.36
N ALA B 103 -11.34 10.78 4.33
CA ALA B 103 -11.92 10.99 3.01
C ALA B 103 -13.09 11.97 2.99
N VAL B 104 -13.08 12.96 3.87
CA VAL B 104 -14.17 13.91 3.86
C VAL B 104 -14.05 14.63 2.50
N PRO B 105 -15.15 14.72 1.73
CA PRO B 105 -15.16 15.36 0.41
C PRO B 105 -14.51 16.73 0.30
N ALA B 106 -14.84 17.64 1.21
CA ALA B 106 -14.29 18.99 1.19
C ALA B 106 -12.80 19.06 1.48
N ALA B 107 -12.19 17.94 1.87
CA ALA B 107 -10.76 17.95 2.17
C ALA B 107 -9.98 16.97 1.30
N GLN B 108 -10.68 16.26 0.41
CA GLN B 108 -10.04 15.26 -0.44
C GLN B 108 -9.06 15.83 -1.45
N ASN B 109 -9.45 16.91 -2.12
CA ASN B 109 -8.59 17.52 -3.13
C ASN B 109 -8.24 18.96 -2.78
N ALA B 110 -7.64 19.16 -1.61
CA ALA B 110 -7.28 20.51 -1.16
C ALA B 110 -5.86 20.53 -0.60
N GLU B 111 -5.21 21.68 -0.68
CA GLU B 111 -3.86 21.79 -0.13
C GLU B 111 -3.96 22.25 1.32
N LEU B 112 -2.86 22.10 2.05
CA LEU B 112 -2.76 22.44 3.46
C LEU B 112 -3.82 23.37 4.06
N PHE B 113 -3.79 24.65 3.69
CA PHE B 113 -4.74 25.63 4.23
C PHE B 113 -6.20 25.26 4.06
N GLY B 114 -6.61 24.94 2.84
CA GLY B 114 -7.99 24.58 2.60
C GLY B 114 -8.37 23.31 3.35
N TRP B 115 -7.40 22.42 3.49
CA TRP B 115 -7.58 21.15 4.19
C TRP B 115 -7.89 21.46 5.65
N LEU B 116 -7.04 22.25 6.28
CA LEU B 116 -7.23 22.62 7.68
C LEU B 116 -8.50 23.41 8.00
N THR B 117 -8.79 24.45 7.22
CA THR B 117 -9.97 25.26 7.52
C THR B 117 -11.25 24.45 7.33
N ASN B 118 -11.23 23.54 6.35
CA ASN B 118 -12.39 22.71 6.09
C ASN B 118 -12.57 21.65 7.17
N LEU B 119 -11.47 21.15 7.72
CA LEU B 119 -11.53 20.13 8.75
C LEU B 119 -11.74 20.69 10.16
N TYR B 120 -11.11 21.83 10.46
CA TYR B 120 -11.28 22.43 11.77
C TYR B 120 -12.76 22.64 12.11
N LYS B 121 -13.54 23.06 11.11
CA LYS B 121 -14.97 23.28 11.30
C LYS B 121 -15.64 22.00 11.79
N ILE B 122 -15.10 20.86 11.40
CA ILE B 122 -15.67 19.58 11.83
C ILE B 122 -15.11 19.18 13.19
N TRP B 123 -13.79 19.23 13.32
CA TRP B 123 -13.12 18.87 14.56
C TRP B 123 -13.57 19.62 15.82
N ALA B 124 -14.16 20.80 15.64
CA ALA B 124 -14.61 21.60 16.77
C ALA B 124 -15.81 20.98 17.49
N HIS B 125 -16.38 19.94 16.90
CA HIS B 125 -17.53 19.27 17.48
C HIS B 125 -17.14 17.95 18.17
N LEU B 126 -15.83 17.70 18.24
CA LEU B 126 -15.30 16.50 18.88
C LEU B 126 -15.74 16.41 20.33
N THR B 127 -16.06 15.20 20.79
CA THR B 127 -16.48 14.99 22.17
C THR B 127 -15.57 13.98 22.88
N PRO B 128 -15.58 13.96 24.22
CA PRO B 128 -14.74 13.03 24.99
C PRO B 128 -14.90 11.56 24.58
N GLU B 129 -16.13 11.13 24.29
CA GLU B 129 -16.35 9.75 23.87
C GLU B 129 -15.65 9.56 22.53
N MET B 130 -15.87 10.51 21.63
CA MET B 130 -15.23 10.47 20.32
C MET B 130 -13.72 10.32 20.48
N ILE B 131 -13.13 11.05 21.43
CA ILE B 131 -11.70 10.94 21.64
C ILE B 131 -11.35 9.54 22.12
N GLU B 132 -12.23 8.97 22.93
CA GLU B 132 -11.99 7.62 23.45
C GLU B 132 -12.10 6.57 22.34
N VAL B 133 -13.23 6.57 21.64
CA VAL B 133 -13.46 5.60 20.57
C VAL B 133 -12.49 5.67 19.39
N SER B 134 -12.18 6.90 18.94
CA SER B 134 -11.26 7.07 17.82
C SER B 134 -9.87 6.55 18.20
N THR B 135 -9.53 6.68 19.47
CA THR B 135 -8.23 6.19 19.92
C THR B 135 -8.23 4.66 19.85
N LEU B 136 -9.34 4.04 20.21
CA LEU B 136 -9.42 2.57 20.14
C LEU B 136 -9.36 2.10 18.68
N THR B 137 -10.08 2.77 17.80
CA THR B 137 -10.10 2.39 16.39
C THR B 137 -8.71 2.55 15.77
N ALA B 138 -8.05 3.66 16.07
CA ALA B 138 -6.73 3.93 15.54
C ALA B 138 -5.69 2.90 15.97
N MET B 139 -5.63 2.62 17.27
CA MET B 139 -4.64 1.64 17.75
C MET B 139 -4.90 0.24 17.23
N ALA B 140 -6.16 -0.09 16.98
CA ALA B 140 -6.48 -1.41 16.46
C ALA B 140 -5.88 -1.58 15.06
N GLU B 141 -6.13 -0.61 14.18
CA GLU B 141 -5.59 -0.69 12.83
C GLU B 141 -4.08 -0.86 12.93
N LEU B 142 -3.45 -0.08 13.80
CA LEU B 142 -2.01 -0.16 14.00
C LEU B 142 -1.57 -1.53 14.54
N LEU B 143 -2.20 -1.96 15.63
CA LEU B 143 -1.86 -3.27 16.22
C LEU B 143 -1.99 -4.38 15.18
N GLN B 144 -3.05 -4.31 14.38
CA GLN B 144 -3.31 -5.30 13.35
C GLN B 144 -2.32 -5.26 12.18
N SER B 145 -1.48 -4.24 12.11
CA SER B 145 -0.50 -4.17 11.03
C SER B 145 0.95 -4.29 11.54
N GLY B 146 1.10 -4.78 12.77
CA GLY B 146 2.43 -5.01 13.34
C GLY B 146 3.01 -3.95 14.26
N CYS B 147 2.26 -2.87 14.49
CA CYS B 147 2.73 -1.81 15.35
C CYS B 147 2.38 -2.09 16.81
N THR B 148 3.41 -2.09 17.66
CA THR B 148 3.23 -2.35 19.09
C THR B 148 3.32 -1.09 19.96
N THR B 149 4.11 -0.11 19.54
CA THR B 149 4.25 1.14 20.28
C THR B 149 3.91 2.29 19.36
N SER B 150 3.14 3.25 19.86
CA SER B 150 2.79 4.40 19.05
C SER B 150 2.56 5.64 19.89
N SER B 151 2.95 6.79 19.33
CA SER B 151 2.75 8.05 20.00
C SER B 151 1.55 8.66 19.29
N ASP B 152 1.04 9.76 19.84
CA ASP B 152 -0.08 10.44 19.21
C ASP B 152 0.17 11.93 19.41
N HIS B 153 -0.55 12.77 18.67
CA HIS B 153 -0.38 14.21 18.77
C HIS B 153 -1.74 14.91 18.75
N LEU B 154 -2.54 14.65 19.78
CA LEU B 154 -3.84 15.25 19.93
C LEU B 154 -3.60 16.68 20.41
N TYR B 155 -3.83 17.65 19.55
CA TYR B 155 -3.60 19.04 19.90
C TYR B 155 -4.87 19.91 20.02
N ILE B 156 -6.02 19.28 20.06
CA ILE B 156 -7.28 20.01 20.24
C ILE B 156 -8.12 19.26 21.26
N TYR B 157 -8.88 20.01 22.05
CA TYR B 157 -9.69 19.40 23.11
C TYR B 157 -11.04 20.08 23.28
N PRO B 158 -11.91 19.99 22.26
CA PRO B 158 -13.22 20.62 22.35
C PRO B 158 -14.20 19.94 23.29
N ASN B 159 -15.18 20.71 23.74
CA ASN B 159 -16.23 20.24 24.61
C ASN B 159 -15.79 19.33 25.76
N GLY B 160 -14.82 19.79 26.54
CA GLY B 160 -14.35 19.02 27.68
C GLY B 160 -13.44 17.84 27.43
N SER B 161 -13.11 17.59 26.16
CA SER B 161 -12.21 16.47 25.82
C SER B 161 -10.91 16.59 26.59
N ARG B 162 -10.28 15.47 26.92
CA ARG B 162 -9.01 15.49 27.63
C ARG B 162 -8.09 14.36 27.12
N LEU B 163 -6.79 14.47 27.40
CA LEU B 163 -5.81 13.47 26.98
C LEU B 163 -6.16 12.18 27.70
N ASP B 164 -6.64 12.34 28.93
CA ASP B 164 -7.02 11.23 29.78
C ASP B 164 -7.95 10.27 29.03
N ASP B 165 -8.86 10.84 28.23
CA ASP B 165 -9.80 10.06 27.45
C ASP B 165 -9.05 9.16 26.48
N SER B 166 -7.93 9.66 25.99
CA SER B 166 -7.09 8.93 25.04
C SER B 166 -6.24 7.87 25.76
N ILE B 167 -5.71 8.24 26.92
CA ILE B 167 -4.88 7.33 27.72
C ILE B 167 -5.68 6.13 28.23
N GLY B 168 -6.95 6.34 28.56
CA GLY B 168 -7.76 5.24 29.04
C GLY B 168 -7.98 4.16 27.99
N ALA B 169 -8.37 4.59 26.79
CA ALA B 169 -8.60 3.66 25.70
C ALA B 169 -7.35 2.83 25.45
N ALA B 170 -6.19 3.48 25.49
CA ALA B 170 -4.92 2.80 25.27
C ALA B 170 -4.61 1.76 26.35
N GLN B 171 -5.07 2.01 27.57
CA GLN B 171 -4.81 1.05 28.65
C GLN B 171 -5.74 -0.14 28.40
N ARG B 172 -6.91 0.15 27.85
CA ARG B 172 -7.88 -0.90 27.56
C ARG B 172 -7.41 -1.83 26.45
N ILE B 173 -6.94 -1.27 25.34
CA ILE B 173 -6.51 -2.10 24.23
C ILE B 173 -5.16 -2.80 24.38
N GLY B 174 -4.30 -2.27 25.26
CA GLY B 174 -3.02 -2.90 25.49
C GLY B 174 -1.82 -2.53 24.61
N MET B 175 -1.83 -1.34 24.03
CA MET B 175 -0.71 -0.91 23.17
C MET B 175 0.20 0.03 23.96
N ARG B 176 1.51 -0.10 23.78
CA ARG B 176 2.44 0.78 24.49
C ARG B 176 2.21 2.20 23.93
N PHE B 177 1.88 3.13 24.83
CA PHE B 177 1.54 4.50 24.44
C PHE B 177 2.45 5.64 24.91
N HIS B 178 2.65 6.58 23.99
CA HIS B 178 3.43 7.80 24.24
C HIS B 178 2.49 8.94 23.89
N ALA B 179 1.65 9.30 24.86
CA ALA B 179 0.67 10.36 24.67
C ALA B 179 1.26 11.76 24.72
N SER B 180 0.96 12.55 23.70
CA SER B 180 1.46 13.91 23.63
C SER B 180 0.36 14.86 24.01
N ARG B 181 0.71 15.92 24.73
CA ARG B 181 -0.27 16.92 25.09
C ARG B 181 -0.07 17.99 24.01
N GLY B 182 -0.92 17.96 22.99
CA GLY B 182 -0.83 18.92 21.90
C GLY B 182 -1.39 20.25 22.34
N ALA B 183 -0.94 21.34 21.72
CA ALA B 183 -1.41 22.66 22.10
C ALA B 183 -1.45 23.71 20.98
N MET B 184 -2.45 24.59 21.05
CA MET B 184 -2.64 25.67 20.08
C MET B 184 -3.09 26.94 20.80
N SER B 185 -2.57 28.08 20.35
CA SER B 185 -2.93 29.40 20.92
C SER B 185 -3.41 30.37 19.84
N GLU B 202 -2.46 30.26 27.31
CA GLU B 202 -1.36 29.30 27.26
C GLU B 202 -1.05 28.74 28.64
N PRO B 203 -1.20 29.55 29.70
CA PRO B 203 -0.91 29.03 31.04
C PRO B 203 -1.78 27.83 31.37
N ASP B 204 -2.89 27.67 30.65
CA ASP B 204 -3.79 26.54 30.85
C ASP B 204 -3.09 25.31 30.30
N ILE B 205 -2.41 25.51 29.16
CA ILE B 205 -1.68 24.45 28.50
C ILE B 205 -0.61 23.91 29.43
N LEU B 206 0.18 24.82 29.98
CA LEU B 206 1.26 24.46 30.88
C LEU B 206 0.79 23.69 32.12
N ARG B 207 -0.27 24.18 32.75
CA ARG B 207 -0.79 23.51 33.94
C ARG B 207 -1.24 22.09 33.58
N ASP B 208 -2.11 22.00 32.57
CA ASP B 208 -2.64 20.72 32.12
C ASP B 208 -1.53 19.75 31.73
N THR B 209 -0.51 20.27 31.05
CA THR B 209 0.61 19.44 30.62
C THR B 209 1.32 18.84 31.83
N GLN B 210 1.52 19.66 32.85
CA GLN B 210 2.19 19.22 34.07
C GLN B 210 1.36 18.18 34.82
N ARG B 211 0.05 18.41 34.87
CA ARG B 211 -0.86 17.48 35.55
C ARG B 211 -0.73 16.09 34.91
N LEU B 212 -0.84 16.05 33.59
CA LEU B 212 -0.74 14.79 32.85
C LEU B 212 0.57 14.07 33.14
N ILE B 213 1.69 14.78 33.01
CA ILE B 213 3.00 14.19 33.26
C ILE B 213 3.05 13.55 34.65
N GLU B 214 2.71 14.33 35.68
CA GLU B 214 2.75 13.84 37.05
C GLU B 214 1.79 12.68 37.30
N THR B 215 0.65 12.72 36.63
CA THR B 215 -0.36 11.69 36.79
C THR B 215 -0.12 10.40 36.02
N TYR B 216 0.27 10.51 34.74
CA TYR B 216 0.44 9.33 33.91
C TYR B 216 1.83 8.93 33.46
N HIS B 217 2.77 9.86 33.36
CA HIS B 217 4.09 9.51 32.88
C HIS B 217 4.89 8.52 33.73
N ASP B 218 5.27 7.41 33.11
CA ASP B 218 6.05 6.39 33.78
C ASP B 218 7.42 6.26 33.13
N GLU B 219 8.46 6.67 33.85
CA GLU B 219 9.82 6.62 33.35
C GLU B 219 10.47 5.27 33.59
N GLY B 220 9.76 4.37 34.27
CA GLY B 220 10.32 3.05 34.54
C GLY B 220 10.39 2.16 33.30
N ARG B 221 11.40 1.30 33.25
CA ARG B 221 11.62 0.38 32.11
C ARG B 221 10.33 -0.38 31.77
N TYR B 222 10.14 -0.65 30.48
CA TYR B 222 8.96 -1.37 30.01
C TYR B 222 7.67 -0.58 30.23
N ALA B 223 7.79 0.72 30.43
CA ALA B 223 6.60 1.55 30.63
C ALA B 223 5.64 1.48 29.44
N MET B 224 4.36 1.33 29.77
CA MET B 224 3.29 1.25 28.79
C MET B 224 2.70 2.62 28.53
N LEU B 225 3.05 3.59 29.37
CA LEU B 225 2.53 4.92 29.22
C LEU B 225 3.59 5.98 29.52
N ARG B 226 3.66 6.98 28.65
CA ARG B 226 4.60 8.08 28.82
C ARG B 226 3.98 9.32 28.25
N VAL B 227 4.38 10.47 28.78
CA VAL B 227 3.84 11.72 28.31
C VAL B 227 4.89 12.55 27.60
N VAL B 228 4.44 13.36 26.65
CA VAL B 228 5.33 14.19 25.87
C VAL B 228 4.71 15.58 25.69
N VAL B 229 5.57 16.59 25.60
CA VAL B 229 5.14 17.98 25.43
C VAL B 229 5.13 18.28 23.94
N ALA B 230 3.98 18.67 23.39
CA ALA B 230 3.89 18.91 21.97
C ALA B 230 2.99 20.00 21.42
N PRO B 231 3.45 21.27 21.46
CA PRO B 231 2.57 22.30 20.90
C PRO B 231 2.52 21.96 19.40
N CYS B 232 1.35 22.09 18.78
CA CYS B 232 1.19 21.72 17.38
C CYS B 232 2.37 22.14 16.50
N SER B 233 2.70 23.43 16.52
CA SER B 233 3.83 23.93 15.73
C SER B 233 4.26 25.33 16.19
N PRO B 234 5.48 25.74 15.81
CA PRO B 234 6.01 27.05 16.19
C PRO B 234 5.05 28.18 15.79
N PHE B 235 4.34 27.98 14.69
CA PHE B 235 3.38 28.97 14.21
C PHE B 235 2.09 28.91 15.02
N SER B 236 1.90 27.80 15.73
CA SER B 236 0.70 27.56 16.52
C SER B 236 0.63 28.24 17.90
N VAL B 237 1.79 28.50 18.50
CA VAL B 237 1.83 29.14 19.80
C VAL B 237 2.89 30.23 19.84
N SER B 238 2.88 31.06 20.88
CA SER B 238 3.87 32.12 21.00
C SER B 238 5.22 31.44 21.28
N ARG B 239 6.31 32.12 20.92
CA ARG B 239 7.61 31.53 21.16
C ARG B 239 7.89 31.45 22.65
N ASP B 240 7.12 32.20 23.43
CA ASP B 240 7.26 32.18 24.88
C ASP B 240 6.77 30.82 25.35
N LEU B 241 5.62 30.40 24.82
CA LEU B 241 5.04 29.11 25.17
C LEU B 241 6.00 28.00 24.73
N MET B 242 6.65 28.20 23.59
CA MET B 242 7.61 27.22 23.08
C MET B 242 8.76 27.06 24.06
N ARG B 243 9.17 28.17 24.66
CA ARG B 243 10.26 28.17 25.64
C ARG B 243 9.81 27.45 26.91
N ASP B 244 8.69 27.92 27.48
CA ASP B 244 8.16 27.34 28.70
C ASP B 244 8.07 25.83 28.55
N ALA B 245 7.42 25.40 27.46
CA ALA B 245 7.24 23.99 27.17
C ALA B 245 8.56 23.25 27.20
N ALA B 246 9.57 23.81 26.54
CA ALA B 246 10.89 23.21 26.49
C ALA B 246 11.47 22.94 27.86
N VAL B 247 11.48 23.96 28.72
CA VAL B 247 12.04 23.80 30.06
C VAL B 247 11.18 22.89 30.91
N LEU B 248 9.86 22.97 30.76
CA LEU B 248 8.96 22.12 31.53
C LEU B 248 9.22 20.65 31.25
N ALA B 249 9.44 20.30 29.98
CA ALA B 249 9.70 18.90 29.63
C ALA B 249 11.04 18.49 30.25
N ARG B 250 12.05 19.31 30.03
CA ARG B 250 13.39 19.06 30.56
C ARG B 250 13.29 18.92 32.07
N GLU B 251 12.39 19.69 32.65
CA GLU B 251 12.16 19.68 34.09
C GLU B 251 11.67 18.32 34.57
N TYR B 252 10.85 17.66 33.76
CA TYR B 252 10.33 16.34 34.15
C TYR B 252 10.97 15.16 33.46
N GLY B 253 11.85 15.42 32.49
CA GLY B 253 12.51 14.33 31.80
C GLY B 253 11.68 13.68 30.70
N VAL B 254 10.72 14.43 30.16
CA VAL B 254 9.87 13.94 29.08
C VAL B 254 10.37 14.54 27.77
N SER B 255 9.79 14.14 26.65
CA SER B 255 10.24 14.64 25.35
C SER B 255 9.41 15.76 24.73
N LEU B 256 10.00 16.42 23.74
CA LEU B 256 9.34 17.50 23.01
C LEU B 256 9.09 16.97 21.60
N HIS B 257 7.97 17.40 21.00
CA HIS B 257 7.61 16.97 19.67
C HIS B 257 6.73 18.06 19.05
N THR B 258 6.89 18.27 17.75
CA THR B 258 6.09 19.29 17.07
C THR B 258 6.28 19.15 15.56
N HIS B 259 5.41 19.81 14.80
CA HIS B 259 5.50 19.79 13.34
C HIS B 259 6.60 20.74 12.91
N LEU B 260 7.58 20.26 12.15
CA LEU B 260 8.65 21.12 11.70
C LEU B 260 8.97 21.04 10.22
N ALA B 261 8.86 22.16 9.51
CA ALA B 261 9.19 22.23 8.10
C ALA B 261 8.46 21.20 7.22
N GLU B 262 7.15 21.13 7.34
CA GLU B 262 6.42 20.15 6.55
C GLU B 262 6.35 20.51 5.07
N ASN B 263 6.10 21.78 4.76
CA ASN B 263 5.99 22.20 3.37
C ASN B 263 6.66 23.54 3.02
N VAL B 264 6.47 23.94 1.76
CA VAL B 264 7.03 25.18 1.24
C VAL B 264 6.48 26.39 1.99
N ASN B 265 5.21 26.34 2.36
CA ASN B 265 4.60 27.44 3.09
C ASN B 265 5.27 27.60 4.45
N ASP B 266 5.71 26.48 5.03
CA ASP B 266 6.39 26.48 6.32
C ASP B 266 7.72 27.23 6.28
N ILE B 267 8.52 26.97 5.26
CA ILE B 267 9.79 27.65 5.14
C ILE B 267 9.52 29.10 4.81
N ALA B 268 8.37 29.36 4.19
CA ALA B 268 7.98 30.72 3.81
C ALA B 268 8.08 31.67 4.99
N TYR B 269 8.13 31.11 6.21
CA TYR B 269 8.26 31.94 7.41
C TYR B 269 8.88 31.18 8.58
N THR B 277 14.68 30.14 8.99
CA THR B 277 14.39 28.73 8.71
C THR B 277 13.89 27.99 9.95
N PRO B 278 13.20 26.86 9.75
CA PRO B 278 12.65 26.03 10.83
C PRO B 278 13.70 25.48 11.80
N ALA B 279 14.76 24.88 11.26
CA ALA B 279 15.82 24.30 12.08
C ALA B 279 16.44 25.31 13.03
N GLU B 280 16.67 26.54 12.55
CA GLU B 280 17.28 27.57 13.38
C GLU B 280 16.37 28.02 14.52
N TYR B 281 15.16 28.46 14.18
CA TYR B 281 14.18 28.92 15.15
C TYR B 281 14.02 27.88 16.26
N ALA B 282 14.26 26.62 15.92
CA ALA B 282 14.16 25.51 16.86
C ALA B 282 15.37 25.47 17.79
N GLU B 283 16.56 25.61 17.21
CA GLU B 283 17.79 25.61 17.98
C GLU B 283 17.81 26.80 18.95
N ASP B 284 17.17 27.89 18.53
CA ASP B 284 17.10 29.10 19.34
C ASP B 284 16.06 29.02 20.44
N LEU B 285 15.17 28.03 20.32
CA LEU B 285 14.13 27.84 21.33
C LEU B 285 14.45 26.65 22.24
N GLY B 286 15.60 26.01 22.00
CA GLY B 286 16.00 24.88 22.81
C GLY B 286 15.41 23.55 22.35
N TRP B 287 14.63 23.59 21.27
CA TRP B 287 14.00 22.38 20.74
C TRP B 287 14.94 21.52 19.90
N VAL B 288 15.92 20.92 20.57
CA VAL B 288 16.89 20.04 19.91
C VAL B 288 17.50 19.13 20.98
N GLY B 289 17.95 17.95 20.56
CA GLY B 289 18.52 17.01 21.50
C GLY B 289 17.88 15.64 21.39
N HIS B 290 18.41 14.69 22.14
CA HIS B 290 17.90 13.33 22.13
C HIS B 290 16.47 13.21 22.64
N ASP B 291 16.03 14.20 23.42
CA ASP B 291 14.68 14.18 23.97
C ASP B 291 13.71 14.98 23.09
N VAL B 292 14.06 15.10 21.82
CA VAL B 292 13.22 15.81 20.85
C VAL B 292 13.15 15.01 19.55
N TRP B 293 12.14 15.33 18.74
CA TRP B 293 11.94 14.73 17.43
C TRP B 293 10.83 15.53 16.73
N HIS B 294 11.05 15.84 15.46
CA HIS B 294 10.08 16.64 14.70
C HIS B 294 9.41 15.85 13.58
N ALA B 295 8.09 16.04 13.45
CA ALA B 295 7.34 15.36 12.42
C ALA B 295 7.62 15.96 11.05
N HIS B 296 7.67 15.10 10.04
CA HIS B 296 7.90 15.48 8.65
C HIS B 296 9.30 15.91 8.24
N CYS B 297 9.68 17.13 8.56
CA CYS B 297 11.00 17.62 8.19
C CYS B 297 11.33 17.45 6.72
N VAL B 298 10.30 17.47 5.88
CA VAL B 298 10.55 17.37 4.44
C VAL B 298 10.97 18.80 4.11
N GLN B 299 12.01 18.95 3.30
CA GLN B 299 12.52 20.28 2.97
C GLN B 299 13.35 20.81 4.13
N LEU B 300 13.99 19.89 4.85
CA LEU B 300 14.84 20.26 5.96
C LEU B 300 16.19 20.68 5.38
N ASP B 301 16.61 21.88 5.74
CA ASP B 301 17.87 22.48 5.32
C ASP B 301 19.05 21.51 5.47
N ASP B 302 20.04 21.58 4.57
CA ASP B 302 21.22 20.72 4.67
C ASP B 302 21.87 21.06 6.00
N ALA B 303 21.93 22.36 6.29
CA ALA B 303 22.51 22.84 7.54
C ALA B 303 21.65 22.25 8.65
N GLY B 304 20.33 22.35 8.46
CA GLY B 304 19.40 21.83 9.44
C GLY B 304 19.71 20.38 9.76
N ILE B 305 19.99 19.60 8.72
CA ILE B 305 20.31 18.19 8.87
C ILE B 305 21.57 18.01 9.71
N GLY B 306 22.59 18.81 9.45
CA GLY B 306 23.81 18.72 10.22
C GLY B 306 23.58 19.02 11.68
N LEU B 307 22.70 19.98 11.95
CA LEU B 307 22.36 20.37 13.31
C LEU B 307 21.72 19.20 14.05
N PHE B 308 20.63 18.67 13.51
CA PHE B 308 19.93 17.56 14.15
C PHE B 308 20.88 16.37 14.33
N ALA B 309 21.74 16.17 13.33
CA ALA B 309 22.71 15.09 13.35
C ALA B 309 23.62 15.18 14.57
N ARG B 310 24.10 16.38 14.86
CA ARG B 310 24.98 16.61 16.00
C ARG B 310 24.23 16.55 17.33
N THR B 311 23.12 17.26 17.40
CA THR B 311 22.30 17.30 18.61
C THR B 311 21.47 16.04 18.82
N GLY B 312 21.49 15.13 17.85
CA GLY B 312 20.72 13.91 17.96
C GLY B 312 19.22 14.13 17.99
N THR B 313 18.77 15.19 17.34
CA THR B 313 17.34 15.52 17.27
C THR B 313 16.68 14.60 16.26
N GLY B 314 15.53 14.04 16.63
CA GLY B 314 14.85 13.12 15.74
C GLY B 314 13.82 13.68 14.77
N VAL B 315 13.49 12.87 13.78
CA VAL B 315 12.51 13.24 12.77
C VAL B 315 11.50 12.11 12.58
N ALA B 316 10.23 12.46 12.51
CA ALA B 316 9.18 11.48 12.28
C ALA B 316 8.81 11.56 10.81
N HIS B 317 9.32 10.64 10.01
CA HIS B 317 9.04 10.60 8.59
C HIS B 317 7.64 10.05 8.30
N CYS B 318 6.84 10.80 7.54
CA CYS B 318 5.48 10.38 7.21
C CYS B 318 5.25 10.41 5.70
N PRO B 319 5.78 9.40 4.98
CA PRO B 319 5.65 9.31 3.52
C PRO B 319 4.27 9.46 2.89
N CYS B 320 3.31 8.62 3.28
CA CYS B 320 1.98 8.71 2.67
C CYS B 320 1.38 10.10 2.86
N SER B 321 1.51 10.63 4.07
CA SER B 321 0.97 11.95 4.36
C SER B 321 1.64 13.01 3.48
N ASN B 322 2.96 12.91 3.35
CA ASN B 322 3.73 13.86 2.54
C ASN B 322 3.33 13.82 1.07
N MET B 323 2.89 12.66 0.60
CA MET B 323 2.46 12.50 -0.78
C MET B 323 1.02 12.96 -0.97
N ARG B 324 0.14 12.46 -0.12
CA ARG B 324 -1.29 12.79 -0.18
C ARG B 324 -1.57 14.29 -0.04
N LEU B 325 -0.72 14.98 0.70
CA LEU B 325 -0.89 16.41 0.90
C LEU B 325 0.06 17.17 -0.03
N ALA B 326 0.91 16.40 -0.70
CA ALA B 326 1.88 16.96 -1.65
C ALA B 326 2.88 17.89 -0.97
N SER B 327 3.49 17.43 0.12
CA SER B 327 4.47 18.24 0.83
C SER B 327 5.88 18.01 0.28
N GLY B 328 6.09 16.87 -0.35
CA GLY B 328 7.40 16.59 -0.91
C GLY B 328 8.03 15.29 -0.42
N ILE B 329 9.26 15.06 -0.86
CA ILE B 329 9.99 13.86 -0.49
C ILE B 329 11.12 14.24 0.46
N ALA B 330 11.00 13.83 1.72
CA ALA B 330 12.03 14.14 2.71
C ALA B 330 13.36 13.46 2.41
N PRO B 331 14.48 14.15 2.72
CA PRO B 331 15.82 13.59 2.47
C PRO B 331 16.21 12.54 3.50
N VAL B 332 15.31 11.59 3.76
CA VAL B 332 15.58 10.53 4.74
C VAL B 332 16.92 9.87 4.49
N LYS B 333 17.21 9.58 3.23
CA LYS B 333 18.46 8.95 2.87
C LYS B 333 19.60 9.80 3.45
N LYS B 334 19.70 11.02 2.95
CA LYS B 334 20.73 11.97 3.40
C LYS B 334 20.77 12.10 4.93
N MET B 335 19.60 12.28 5.55
CA MET B 335 19.50 12.41 7.01
C MET B 335 20.16 11.22 7.70
N ARG B 336 19.69 10.02 7.34
CA ARG B 336 20.20 8.79 7.91
C ARG B 336 21.72 8.72 7.79
N LEU B 337 22.21 9.11 6.62
CA LEU B 337 23.62 9.13 6.32
C LEU B 337 24.37 10.09 7.23
N ALA B 338 23.73 11.20 7.58
CA ALA B 338 24.34 12.19 8.46
C ALA B 338 24.30 11.76 9.93
N GLY B 339 23.43 10.80 10.24
CA GLY B 339 23.34 10.33 11.61
C GLY B 339 22.11 10.80 12.39
N VAL B 340 21.23 11.57 11.75
CA VAL B 340 20.02 12.02 12.44
C VAL B 340 19.07 10.85 12.63
N PRO B 341 18.60 10.64 13.88
CA PRO B 341 17.68 9.54 14.19
C PRO B 341 16.38 9.67 13.39
N VAL B 342 16.07 8.65 12.61
CA VAL B 342 14.87 8.69 11.79
C VAL B 342 13.83 7.66 12.20
N GLY B 343 12.61 8.12 12.41
CA GLY B 343 11.52 7.25 12.78
C GLY B 343 10.46 7.32 11.70
N LEU B 344 9.46 6.45 11.82
CA LEU B 344 8.39 6.40 10.85
C LEU B 344 7.06 6.74 11.51
N GLY B 345 6.19 7.41 10.75
CA GLY B 345 4.91 7.79 11.28
C GLY B 345 3.83 7.73 10.21
N VAL B 346 2.65 7.27 10.58
CA VAL B 346 1.56 7.17 9.64
C VAL B 346 0.82 8.51 9.55
N ASP B 347 0.93 9.31 10.60
CA ASP B 347 0.28 10.62 10.67
C ASP B 347 -1.24 10.51 10.78
N GLY B 348 -1.90 11.64 11.03
CA GLY B 348 -3.35 11.64 11.15
C GLY B 348 -4.04 10.93 9.99
N SER B 349 -5.14 10.24 10.29
CA SER B 349 -5.90 9.51 9.28
C SER B 349 -6.72 10.41 8.36
N ALA B 350 -6.58 11.73 8.51
CA ALA B 350 -7.28 12.65 7.63
C ALA B 350 -6.29 13.01 6.53
N SER B 351 -5.02 12.71 6.76
CA SER B 351 -3.97 12.99 5.78
C SER B 351 -3.09 11.77 5.51
N ASN B 352 -3.72 10.68 5.07
CA ASN B 352 -2.97 9.47 4.75
C ASN B 352 -3.74 8.64 3.71
N ASP B 353 -4.95 8.14 4.02
CA ASP B 353 -5.65 8.28 5.31
C ASP B 353 -5.68 6.91 5.99
N GLY B 354 -4.78 6.02 5.61
CA GLY B 354 -4.75 4.70 6.22
C GLY B 354 -3.76 4.64 7.35
N ALA B 355 -3.73 3.55 8.10
CA ALA B 355 -2.78 3.40 9.20
C ALA B 355 -2.22 2.00 9.26
N GLN B 356 -1.89 1.46 8.08
CA GLN B 356 -1.31 0.12 7.96
C GLN B 356 0.20 0.32 8.09
N MET B 357 0.74 0.06 9.27
CA MET B 357 2.17 0.28 9.50
C MET B 357 3.13 -0.31 8.46
N VAL B 358 3.00 -1.60 8.14
CA VAL B 358 3.91 -2.17 7.16
C VAL B 358 3.77 -1.47 5.81
N ALA B 359 2.58 -0.98 5.49
CA ALA B 359 2.37 -0.25 4.25
C ALA B 359 3.21 1.04 4.30
N GLU B 360 3.23 1.67 5.46
CA GLU B 360 3.99 2.90 5.64
C GLU B 360 5.48 2.62 5.44
N VAL B 361 5.93 1.46 5.92
CA VAL B 361 7.33 1.08 5.79
C VAL B 361 7.67 0.89 4.31
N ARG B 362 6.74 0.30 3.58
CA ARG B 362 6.94 0.08 2.15
C ARG B 362 6.91 1.44 1.43
N GLN B 363 5.97 2.29 1.78
CA GLN B 363 5.87 3.58 1.13
C GLN B 363 7.15 4.37 1.28
N ALA B 364 7.85 4.20 2.40
CA ALA B 364 9.09 4.91 2.63
C ALA B 364 10.14 4.47 1.62
N LEU B 365 10.31 3.15 1.47
CA LEU B 365 11.29 2.63 0.52
C LEU B 365 10.96 3.09 -0.89
N LEU B 366 9.69 2.95 -1.27
CA LEU B 366 9.23 3.34 -2.60
C LEU B 366 9.47 4.82 -2.88
N LEU B 367 9.06 5.67 -1.93
CA LEU B 367 9.17 7.10 -2.06
C LEU B 367 10.63 7.58 -2.12
N GLN B 368 11.48 7.02 -1.26
CA GLN B 368 12.90 7.40 -1.26
C GLN B 368 13.56 7.02 -2.57
N ARG B 369 13.13 5.91 -3.15
CA ARG B 369 13.71 5.44 -4.39
C ARG B 369 13.31 6.28 -5.60
N VAL B 370 12.02 6.58 -5.75
CA VAL B 370 11.58 7.37 -6.89
C VAL B 370 12.20 8.77 -6.78
N GLY B 371 12.70 9.09 -5.59
CA GLY B 371 13.30 10.39 -5.39
C GLY B 371 14.82 10.43 -5.54
N PHE B 372 15.51 9.36 -5.14
CA PHE B 372 16.98 9.36 -5.19
C PHE B 372 17.69 8.15 -5.82
N GLY B 373 16.96 7.20 -6.36
CA GLY B 373 17.64 6.06 -6.96
C GLY B 373 17.19 4.68 -6.49
N PRO B 374 17.33 3.65 -7.35
CA PRO B 374 16.96 2.25 -7.09
C PRO B 374 17.50 1.62 -5.82
N ASP B 375 18.42 2.31 -5.14
CA ASP B 375 18.99 1.78 -3.90
C ASP B 375 19.04 2.84 -2.79
N ALA B 376 18.19 3.86 -2.91
CA ALA B 376 18.17 4.92 -1.91
C ALA B 376 17.79 4.37 -0.52
N MET B 377 17.12 3.22 -0.49
CA MET B 377 16.73 2.61 0.78
C MET B 377 16.50 1.12 0.58
N THR B 378 17.06 0.31 1.47
CA THR B 378 16.89 -1.13 1.37
C THR B 378 15.72 -1.55 2.26
N ALA B 379 15.27 -2.78 2.08
CA ALA B 379 14.16 -3.28 2.88
C ALA B 379 14.57 -3.25 4.35
N ARG B 380 15.80 -3.67 4.63
CA ARG B 380 16.28 -3.71 6.00
C ARG B 380 16.41 -2.34 6.65
N GLU B 381 16.72 -1.31 5.85
CA GLU B 381 16.87 0.04 6.37
C GLU B 381 15.48 0.57 6.71
N ALA B 382 14.53 0.27 5.83
CA ALA B 382 13.17 0.72 6.07
C ALA B 382 12.70 0.08 7.37
N LEU B 383 13.11 -1.16 7.60
CA LEU B 383 12.74 -1.90 8.80
C LEU B 383 13.41 -1.32 10.05
N GLU B 384 14.68 -0.97 9.92
CA GLU B 384 15.44 -0.41 11.02
C GLU B 384 14.83 0.92 11.42
N ILE B 385 14.44 1.71 10.43
CA ILE B 385 13.82 2.99 10.70
C ILE B 385 12.53 2.76 11.49
N ALA B 386 11.75 1.76 11.09
CA ALA B 386 10.49 1.43 11.75
C ALA B 386 10.65 0.79 13.13
N THR B 387 11.85 0.31 13.45
CA THR B 387 12.09 -0.32 14.74
C THR B 387 13.05 0.50 15.61
N LEU B 388 14.34 0.32 15.42
CA LEU B 388 15.34 1.08 16.20
C LEU B 388 15.16 2.60 16.10
N GLY B 389 14.94 3.08 14.88
CA GLY B 389 14.76 4.51 14.66
C GLY B 389 13.60 5.09 15.46
N GLY B 390 12.53 4.32 15.59
CA GLY B 390 11.38 4.80 16.34
C GLY B 390 11.73 4.87 17.81
N ALA B 391 12.44 3.84 18.29
CA ALA B 391 12.88 3.77 19.67
C ALA B 391 13.69 5.01 20.00
N LYS B 392 14.70 5.27 19.17
CA LYS B 392 15.59 6.42 19.33
C LYS B 392 14.84 7.75 19.32
N VAL B 393 14.01 7.93 18.30
CA VAL B 393 13.23 9.15 18.16
C VAL B 393 12.33 9.39 19.38
N LEU B 394 11.90 8.30 20.02
CA LEU B 394 11.05 8.41 21.19
C LEU B 394 11.91 8.52 22.45
N ASN B 395 13.21 8.25 22.28
CA ASN B 395 14.19 8.29 23.36
C ASN B 395 14.00 7.11 24.30
N ARG B 396 13.87 5.92 23.73
CA ARG B 396 13.70 4.69 24.50
C ARG B 396 14.69 3.65 24.00
N ASP B 397 15.27 2.89 24.92
CA ASP B 397 16.21 1.86 24.52
C ASP B 397 15.75 0.47 25.00
N ASP B 398 14.47 0.35 25.32
CA ASP B 398 13.92 -0.91 25.79
C ASP B 398 12.99 -1.60 24.76
N ILE B 399 12.69 -0.91 23.66
CA ILE B 399 11.85 -1.48 22.60
C ILE B 399 12.60 -1.37 21.28
N GLY B 400 12.08 -2.04 20.25
CA GLY B 400 12.71 -1.96 18.94
C GLY B 400 13.64 -3.10 18.57
N ALA B 401 13.83 -4.06 19.48
CA ALA B 401 14.72 -5.17 19.18
C ALA B 401 14.41 -6.43 19.98
N LEU B 402 14.56 -7.58 19.34
CA LEU B 402 14.33 -8.85 20.03
C LEU B 402 15.60 -9.42 20.65
N LYS B 403 15.85 -9.07 21.90
CA LYS B 403 17.01 -9.55 22.63
C LYS B 403 16.73 -9.54 24.14
N PRO B 404 17.55 -10.27 24.92
CA PRO B 404 17.38 -10.34 26.39
C PRO B 404 17.31 -8.97 27.07
N GLY B 405 16.27 -8.78 27.88
CA GLY B 405 16.10 -7.53 28.60
C GLY B 405 15.30 -6.45 27.90
N MET B 406 14.78 -6.75 26.71
CA MET B 406 13.97 -5.77 26.00
C MET B 406 12.50 -6.06 26.25
N ALA B 407 11.63 -5.13 25.88
CA ALA B 407 10.20 -5.33 26.06
C ALA B 407 9.69 -6.43 25.14
N ALA B 408 8.85 -7.32 25.67
CA ALA B 408 8.29 -8.41 24.88
C ALA B 408 7.26 -7.89 23.88
N ASP B 409 7.75 -7.20 22.86
CA ASP B 409 6.89 -6.65 21.82
C ASP B 409 7.35 -7.18 20.47
N PHE B 410 6.53 -7.99 19.80
CA PHE B 410 6.91 -8.50 18.48
C PHE B 410 5.71 -8.70 17.57
N ALA B 411 5.99 -8.83 16.29
CA ALA B 411 4.94 -9.03 15.29
C ALA B 411 5.23 -10.32 14.53
N ALA B 412 4.19 -10.97 14.03
CA ALA B 412 4.38 -12.21 13.28
C ALA B 412 3.55 -12.22 12.01
N PHE B 413 4.19 -12.57 10.90
CA PHE B 413 3.50 -12.60 9.62
C PHE B 413 3.51 -14.00 9.05
N ASP B 414 2.38 -14.40 8.45
CA ASP B 414 2.23 -15.72 7.88
C ASP B 414 2.81 -15.76 6.46
N LEU B 415 3.94 -16.43 6.32
CA LEU B 415 4.62 -16.52 5.04
C LEU B 415 3.93 -17.43 4.04
N ARG B 416 2.82 -18.03 4.46
CA ARG B 416 2.09 -18.93 3.59
C ARG B 416 1.02 -18.23 2.76
N GLN B 417 0.84 -16.95 2.98
CA GLN B 417 -0.14 -16.19 2.20
C GLN B 417 0.28 -16.03 0.74
N PRO B 418 -0.72 -15.94 -0.16
CA PRO B 418 -0.48 -15.78 -1.61
C PRO B 418 0.40 -14.56 -1.92
N LEU B 419 0.30 -13.52 -1.09
CA LEU B 419 1.06 -12.29 -1.31
C LEU B 419 2.56 -12.51 -1.14
N PHE B 420 2.95 -13.49 -0.33
CA PHE B 420 4.37 -13.80 -0.12
C PHE B 420 4.85 -14.89 -1.06
N ALA B 421 3.93 -15.47 -1.83
CA ALA B 421 4.29 -16.55 -2.74
C ALA B 421 5.36 -16.11 -3.74
N GLY B 422 6.47 -16.85 -3.77
CA GLY B 422 7.55 -16.56 -4.70
C GLY B 422 8.57 -15.57 -4.16
N ALA B 423 8.32 -15.07 -2.95
CA ALA B 423 9.22 -14.11 -2.35
C ALA B 423 9.96 -14.68 -1.14
N LEU B 424 9.92 -15.99 -0.96
CA LEU B 424 10.58 -16.61 0.20
C LEU B 424 12.10 -16.72 0.07
N HIS B 425 12.66 -16.10 -0.96
CA HIS B 425 14.10 -16.11 -1.15
C HIS B 425 14.71 -15.26 -0.04
N ASP B 426 13.93 -14.30 0.46
CA ASP B 426 14.36 -13.41 1.53
C ASP B 426 13.09 -12.88 2.22
N PRO B 427 12.47 -13.72 3.07
CA PRO B 427 11.24 -13.37 3.81
C PRO B 427 11.26 -12.00 4.47
N VAL B 428 12.40 -11.67 5.06
CA VAL B 428 12.58 -10.39 5.72
C VAL B 428 12.34 -9.25 4.74
N ALA B 429 12.97 -9.33 3.57
CA ALA B 429 12.81 -8.31 2.55
C ALA B 429 11.40 -8.32 1.95
N ALA B 430 10.84 -9.53 1.80
CA ALA B 430 9.50 -9.67 1.24
C ALA B 430 8.46 -8.86 2.03
N LEU B 431 8.67 -8.75 3.33
CA LEU B 431 7.73 -8.00 4.16
C LEU B 431 7.56 -6.58 3.62
N VAL B 432 8.61 -6.03 3.01
CA VAL B 432 8.54 -4.67 2.47
C VAL B 432 8.24 -4.61 0.98
N PHE B 433 8.79 -5.55 0.22
CA PHE B 433 8.60 -5.60 -1.22
C PHE B 433 7.24 -6.11 -1.71
N CYS B 434 6.58 -6.95 -0.92
CA CYS B 434 5.27 -7.48 -1.32
C CYS B 434 4.17 -6.56 -0.86
N ALA B 435 2.92 -6.89 -1.22
CA ALA B 435 1.79 -6.09 -0.78
C ALA B 435 1.84 -6.14 0.75
N PRO B 436 1.51 -5.03 1.42
CA PRO B 436 1.54 -4.98 2.88
C PRO B 436 0.65 -6.03 3.55
N SER B 437 1.25 -6.77 4.47
CA SER B 437 0.56 -7.82 5.18
C SER B 437 0.07 -7.45 6.59
N GLN B 438 -1.05 -8.05 6.97
CA GLN B 438 -1.59 -7.87 8.32
C GLN B 438 -0.77 -8.87 9.13
N THR B 439 -0.75 -8.76 10.45
CA THR B 439 -0.01 -9.73 11.25
C THR B 439 -0.94 -10.91 11.54
N ALA B 440 -0.35 -12.01 11.95
CA ALA B 440 -1.11 -13.19 12.34
C ALA B 440 -1.20 -13.02 13.85
N TYR B 441 -0.07 -12.56 14.42
CA TYR B 441 0.02 -12.32 15.85
C TYR B 441 0.78 -11.03 16.13
N THR B 442 0.28 -10.28 17.11
CA THR B 442 0.90 -9.04 17.55
C THR B 442 0.96 -9.16 19.07
N VAL B 443 2.16 -9.09 19.61
CA VAL B 443 2.34 -9.21 21.05
C VAL B 443 2.91 -7.92 21.62
N VAL B 444 2.30 -7.44 22.70
CA VAL B 444 2.74 -6.22 23.36
C VAL B 444 2.88 -6.49 24.85
N ASN B 445 4.06 -6.22 25.39
CA ASN B 445 4.30 -6.42 26.82
C ASN B 445 4.12 -7.87 27.23
N GLY B 446 4.51 -8.80 26.36
CA GLY B 446 4.36 -10.20 26.69
C GLY B 446 2.92 -10.70 26.57
N LYS B 447 2.02 -9.81 26.15
CA LYS B 447 0.62 -10.19 26.01
C LYS B 447 0.16 -10.24 24.54
N VAL B 448 -0.53 -11.30 24.17
CA VAL B 448 -1.05 -11.43 22.82
C VAL B 448 -2.21 -10.45 22.64
N VAL B 449 -2.02 -9.45 21.79
CA VAL B 449 -3.06 -8.44 21.57
C VAL B 449 -3.86 -8.70 20.29
N VAL B 450 -3.18 -9.29 19.31
CA VAL B 450 -3.81 -9.66 18.05
C VAL B 450 -3.57 -11.16 17.92
N ARG B 451 -4.64 -11.94 17.70
CA ARG B 451 -4.51 -13.40 17.60
C ARG B 451 -5.16 -13.86 16.31
N GLU B 452 -4.38 -14.50 15.46
CA GLU B 452 -4.87 -14.96 14.17
C GLU B 452 -5.55 -13.81 13.43
N GLY B 453 -4.99 -12.61 13.60
CA GLY B 453 -5.53 -11.44 12.93
C GLY B 453 -6.68 -10.74 13.64
N ARG B 454 -7.08 -11.24 14.80
CA ARG B 454 -8.18 -10.61 15.53
C ARG B 454 -7.72 -9.95 16.80
N LEU B 455 -8.38 -8.86 17.16
CA LEU B 455 -8.05 -8.13 18.37
C LEU B 455 -8.55 -9.01 19.52
N ALA B 456 -7.64 -9.35 20.42
CA ALA B 456 -7.94 -10.23 21.53
C ALA B 456 -8.16 -9.54 22.87
N THR B 457 -7.84 -8.25 22.94
CA THR B 457 -7.99 -7.50 24.17
C THR B 457 -9.39 -6.88 24.31
N LEU B 458 -10.20 -6.97 23.26
CA LEU B 458 -11.55 -6.43 23.33
C LEU B 458 -12.35 -6.78 22.08
N ASP B 459 -13.68 -6.68 22.20
CA ASP B 459 -14.58 -6.97 21.09
C ASP B 459 -14.60 -5.75 20.15
N LEU B 460 -13.79 -5.82 19.10
CA LEU B 460 -13.64 -4.72 18.13
C LEU B 460 -14.85 -4.27 17.31
N PRO B 461 -15.58 -5.20 16.68
CA PRO B 461 -16.75 -4.82 15.86
C PRO B 461 -17.67 -3.74 16.42
N PRO B 462 -18.12 -3.89 17.69
CA PRO B 462 -19.00 -2.87 18.26
C PRO B 462 -18.33 -1.50 18.39
N VAL B 463 -17.00 -1.52 18.49
CA VAL B 463 -16.25 -0.28 18.59
C VAL B 463 -16.25 0.46 17.26
N ILE B 464 -15.95 -0.25 16.17
CA ILE B 464 -15.94 0.41 14.88
C ILE B 464 -17.37 0.80 14.51
N GLU B 465 -18.35 0.03 14.98
CA GLU B 465 -19.74 0.35 14.67
C GLU B 465 -20.05 1.72 15.30
N ARG B 466 -19.60 1.89 16.54
CA ARG B 466 -19.81 3.15 17.27
C ARG B 466 -19.01 4.27 16.61
N HIS B 467 -17.78 3.95 16.23
CA HIS B 467 -16.87 4.87 15.57
C HIS B 467 -17.61 5.53 14.40
N ASN B 468 -18.21 4.71 13.53
CA ASN B 468 -18.91 5.22 12.37
C ASN B 468 -20.17 6.02 12.66
N ALA B 469 -20.88 5.68 13.73
CA ALA B 469 -22.08 6.43 14.08
C ALA B 469 -21.60 7.79 14.60
N LEU B 470 -20.55 7.78 15.40
CA LEU B 470 -20.01 9.02 15.95
C LEU B 470 -19.48 9.88 14.79
N ALA B 471 -18.76 9.23 13.88
CA ALA B 471 -18.21 9.94 12.73
C ALA B 471 -19.34 10.67 12.01
N HIS B 472 -20.42 9.95 11.73
CA HIS B 472 -21.56 10.57 11.06
C HIS B 472 -22.14 11.73 11.88
N ALA B 473 -22.37 11.49 13.17
CA ALA B 473 -22.92 12.54 14.03
C ALA B 473 -21.96 13.71 14.17
N LEU B 474 -20.69 13.47 13.85
CA LEU B 474 -19.70 14.53 13.94
C LEU B 474 -19.89 15.51 12.78
N VAL B 475 -19.99 14.96 11.57
CA VAL B 475 -20.18 15.80 10.39
C VAL B 475 -21.61 16.38 10.37
N GLU B 476 -22.55 15.68 11.01
CA GLU B 476 -23.94 16.15 11.05
C GLU B 476 -23.99 17.43 11.87
N ALA B 477 -23.25 17.46 12.97
CA ALA B 477 -23.22 18.64 13.83
C ALA B 477 -22.64 19.83 13.08
N ALA B 478 -21.54 19.61 12.38
CA ALA B 478 -20.87 20.67 11.62
C ALA B 478 -21.78 21.25 10.54
N ARG B 479 -22.76 20.47 10.08
CA ARG B 479 -23.68 20.93 9.05
C ARG B 479 -24.83 21.77 9.64
ZN ZN C . 6.97 -4.58 -18.08
ZN ZN D . 0.76 15.80 11.97
#